data_5UZL
#
_entry.id   5UZL
#
_entity_poly.entity_id   1
_entity_poly.type   'polypeptide(L)'
_entity_poly.pdbx_seq_one_letter_code
;NVDVRYTYRPSVPAHRRVRESPLSSDAIFKQSH
;
_entity_poly.pdbx_strand_id   A
#
# COMPACT_ATOMS: atom_id res chain seq x y z
N ASN A 1 7.83 5.58 6.22
CA ASN A 1 7.95 6.50 7.34
C ASN A 1 6.59 6.91 7.87
N VAL A 2 5.59 6.91 6.99
CA VAL A 2 4.23 7.28 7.36
C VAL A 2 3.46 6.08 7.89
N ASP A 3 3.74 5.70 9.12
CA ASP A 3 3.07 4.57 9.76
C ASP A 3 2.04 5.04 10.77
N VAL A 4 0.88 5.44 10.27
CA VAL A 4 -0.20 5.92 11.13
C VAL A 4 -1.40 4.99 11.07
N ARG A 5 -1.14 3.70 10.91
CA ARG A 5 -2.20 2.70 10.84
C ARG A 5 -2.25 1.88 12.12
N TYR A 6 -3.32 2.06 12.90
CA TYR A 6 -3.48 1.34 14.15
C TYR A 6 -4.96 1.13 14.46
N THR A 7 -5.78 1.04 13.42
CA THR A 7 -7.22 0.85 13.59
C THR A 7 -7.70 -0.38 12.83
N TYR A 8 -6.76 -1.23 12.42
CA TYR A 8 -7.09 -2.44 11.68
C TYR A 8 -5.85 -3.29 11.45
N ARG A 9 -5.98 -4.31 10.61
CA ARG A 9 -4.87 -5.20 10.30
C ARG A 9 -4.39 -4.99 8.86
N PRO A 10 -3.53 -3.98 8.66
CA PRO A 10 -2.98 -3.66 7.34
C PRO A 10 -2.01 -4.72 6.85
N SER A 11 -2.28 -5.25 5.66
CA SER A 11 -1.43 -6.28 5.08
C SER A 11 -0.01 -5.77 4.90
N VAL A 12 0.19 -4.87 3.95
CA VAL A 12 1.51 -4.31 3.68
C VAL A 12 1.41 -2.84 3.28
N PRO A 13 2.48 -2.09 3.52
CA PRO A 13 2.55 -0.66 3.20
C PRO A 13 2.60 -0.42 1.70
N ALA A 14 1.69 0.42 1.20
CA ALA A 14 1.63 0.73 -0.22
C ALA A 14 2.95 1.35 -0.70
N HIS A 15 3.63 2.05 0.20
CA HIS A 15 4.90 2.68 -0.13
C HIS A 15 5.56 3.26 1.12
N ARG A 16 6.87 3.05 1.24
CA ARG A 16 7.62 3.55 2.39
C ARG A 16 8.91 4.23 1.94
N ARG A 17 8.82 4.99 0.85
CA ARG A 17 9.99 5.70 0.32
C ARG A 17 9.56 6.95 -0.44
N VAL A 18 10.55 7.72 -0.89
CA VAL A 18 10.27 8.94 -1.63
C VAL A 18 10.07 8.66 -3.12
N ARG A 19 10.68 7.57 -3.59
CA ARG A 19 10.57 7.18 -5.00
C ARG A 19 10.27 5.70 -5.13
N GLU A 20 9.05 5.30 -4.77
CA GLU A 20 8.65 3.90 -4.85
C GLU A 20 7.36 3.76 -5.67
N SER A 21 7.16 2.58 -6.24
CA SER A 21 5.98 2.31 -7.04
C SER A 21 5.77 0.81 -7.23
N PRO A 22 5.34 0.13 -6.16
CA PRO A 22 5.10 -1.31 -6.17
C PRO A 22 3.88 -1.69 -7.02
N LEU A 23 3.70 -2.99 -7.22
CA LEU A 23 2.58 -3.48 -8.02
C LEU A 23 1.39 -3.82 -7.13
N SER A 24 1.66 -4.54 -6.03
CA SER A 24 0.61 -4.92 -5.10
C SER A 24 -0.22 -3.73 -4.68
N SER A 25 0.41 -2.56 -4.65
CA SER A 25 -0.28 -1.33 -4.26
C SER A 25 -1.47 -1.05 -5.18
N ASP A 26 -1.32 -1.41 -6.45
CA ASP A 26 -2.38 -1.20 -7.43
C ASP A 26 -3.31 -2.41 -7.48
N ALA A 27 -2.79 -3.56 -7.12
CA ALA A 27 -3.57 -4.80 -7.12
C ALA A 27 -4.82 -4.65 -6.28
N ILE A 28 -4.77 -3.76 -5.29
CA ILE A 28 -5.90 -3.51 -4.41
C ILE A 28 -7.17 -3.24 -5.20
N PHE A 29 -7.02 -2.57 -6.35
CA PHE A 29 -8.14 -2.25 -7.20
C PHE A 29 -8.39 -3.35 -8.22
N LYS A 30 -7.33 -4.08 -8.56
CA LYS A 30 -7.43 -5.17 -9.53
C LYS A 30 -8.50 -6.19 -9.10
N GLN A 31 -8.71 -6.29 -7.79
CA GLN A 31 -9.70 -7.22 -7.26
C GLN A 31 -11.10 -6.86 -7.73
N SER A 32 -11.34 -5.57 -7.94
CA SER A 32 -12.64 -5.09 -8.39
C SER A 32 -13.03 -5.72 -9.72
N HIS A 33 -12.15 -5.59 -10.71
CA HIS A 33 -12.40 -6.15 -12.04
C HIS A 33 -12.45 -7.68 -11.97
N ASN A 1 4.07 7.39 6.90
CA ASN A 1 5.46 7.52 7.32
C ASN A 1 5.92 6.30 8.12
N VAL A 2 6.49 5.32 7.43
CA VAL A 2 6.96 4.11 8.08
C VAL A 2 5.81 3.33 8.70
N ASP A 3 4.80 3.03 7.89
CA ASP A 3 3.64 2.29 8.36
C ASP A 3 3.06 2.92 9.62
N VAL A 4 2.46 4.10 9.46
CA VAL A 4 1.87 4.82 10.59
C VAL A 4 0.49 5.37 10.22
N ARG A 5 -0.15 4.73 9.26
CA ARG A 5 -1.48 5.16 8.81
C ARG A 5 -2.28 3.98 8.26
N TYR A 6 -3.05 3.35 9.14
CA TYR A 6 -3.86 2.20 8.75
C TYR A 6 -5.11 2.09 9.62
N THR A 7 -6.09 1.34 9.13
CA THR A 7 -7.35 1.16 9.87
C THR A 7 -7.81 -0.29 9.82
N TYR A 8 -6.86 -1.21 9.61
CA TYR A 8 -7.17 -2.63 9.53
C TYR A 8 -5.89 -3.46 9.44
N ARG A 9 -6.05 -4.74 9.15
CA ARG A 9 -4.92 -5.65 9.03
C ARG A 9 -4.71 -6.07 7.58
N PRO A 10 -4.01 -5.23 6.81
CA PRO A 10 -3.72 -5.49 5.39
C PRO A 10 -2.74 -6.63 5.20
N SER A 11 -2.66 -7.14 3.98
CA SER A 11 -1.74 -8.24 3.67
C SER A 11 -0.31 -7.75 3.56
N VAL A 12 -0.13 -6.59 2.93
CA VAL A 12 1.20 -6.00 2.76
C VAL A 12 1.12 -4.49 2.66
N PRO A 13 2.21 -3.81 3.02
CA PRO A 13 2.29 -2.35 2.98
C PRO A 13 2.34 -1.82 1.55
N ALA A 14 1.41 -0.91 1.24
CA ALA A 14 1.35 -0.32 -0.10
C ALA A 14 2.68 0.30 -0.49
N HIS A 15 3.31 0.99 0.46
CA HIS A 15 4.59 1.63 0.21
C HIS A 15 5.13 2.30 1.48
N ARG A 16 6.43 2.51 1.53
CA ARG A 16 7.06 3.13 2.69
C ARG A 16 8.04 4.22 2.26
N ARG A 17 7.64 5.01 1.26
CA ARG A 17 8.48 6.08 0.75
C ARG A 17 7.63 7.17 0.09
N VAL A 18 8.29 8.25 -0.32
CA VAL A 18 7.60 9.36 -0.97
C VAL A 18 7.48 9.13 -2.47
N ARG A 19 8.41 8.36 -3.02
CA ARG A 19 8.41 8.07 -4.45
C ARG A 19 8.74 6.60 -4.70
N GLU A 20 7.73 5.73 -4.54
CA GLU A 20 7.92 4.31 -4.75
C GLU A 20 6.70 3.69 -5.41
N SER A 21 6.92 2.98 -6.50
CA SER A 21 5.83 2.33 -7.23
C SER A 21 5.98 0.81 -7.22
N PRO A 22 5.76 0.22 -6.05
CA PRO A 22 5.87 -1.24 -5.88
C PRO A 22 4.74 -1.99 -6.58
N LEU A 23 4.65 -3.29 -6.32
CA LEU A 23 3.63 -4.13 -6.94
C LEU A 23 2.31 -4.02 -6.17
N SER A 24 2.36 -4.30 -4.88
CA SER A 24 1.18 -4.24 -4.03
C SER A 24 0.46 -2.90 -4.19
N SER A 25 1.23 -1.86 -4.48
CA SER A 25 0.68 -0.52 -4.65
C SER A 25 -0.45 -0.53 -5.67
N ASP A 26 -0.36 -1.45 -6.63
CA ASP A 26 -1.38 -1.56 -7.68
C ASP A 26 -2.52 -2.46 -7.21
N ALA A 27 -2.21 -3.42 -6.36
CA ALA A 27 -3.21 -4.35 -5.84
C ALA A 27 -4.31 -3.61 -5.08
N ILE A 28 -3.96 -2.43 -4.56
CA ILE A 28 -4.92 -1.62 -3.81
C ILE A 28 -6.20 -1.41 -4.61
N PHE A 29 -6.07 -1.35 -5.93
CA PHE A 29 -7.22 -1.16 -6.81
C PHE A 29 -7.92 -2.48 -7.09
N LYS A 30 -7.15 -3.57 -7.05
CA LYS A 30 -7.69 -4.90 -7.31
C LYS A 30 -8.88 -5.18 -6.41
N GLN A 31 -8.90 -4.55 -5.23
CA GLN A 31 -9.98 -4.74 -4.27
C GLN A 31 -11.34 -4.50 -4.94
N SER A 32 -11.37 -3.58 -5.89
CA SER A 32 -12.61 -3.26 -6.61
C SER A 32 -12.80 -4.18 -7.80
N HIS A 33 -11.69 -4.55 -8.43
CA HIS A 33 -11.73 -5.43 -9.60
C HIS A 33 -11.77 -6.90 -9.18
N ASN A 1 2.99 6.54 8.99
CA ASN A 1 3.74 6.29 7.76
C ASN A 1 5.12 5.73 8.06
N VAL A 2 5.47 4.64 7.38
CA VAL A 2 6.76 4.01 7.57
C VAL A 2 7.02 3.72 9.04
N ASP A 3 6.33 2.72 9.57
CA ASP A 3 6.49 2.35 10.98
C ASP A 3 6.44 0.83 11.14
N VAL A 4 7.24 0.32 12.07
CA VAL A 4 7.29 -1.12 12.33
C VAL A 4 6.65 -1.46 13.66
N ARG A 5 5.72 -0.62 14.10
CA ARG A 5 5.03 -0.84 15.36
C ARG A 5 3.62 -0.25 15.32
N TYR A 6 2.62 -1.13 15.22
CA TYR A 6 1.23 -0.69 15.17
C TYR A 6 0.33 -1.68 15.90
N THR A 7 -0.87 -1.22 16.26
CA THR A 7 -1.83 -2.05 16.96
C THR A 7 -3.22 -1.90 16.37
N TYR A 8 -3.30 -1.50 15.11
CA TYR A 8 -4.57 -1.30 14.43
C TYR A 8 -4.36 -0.98 12.96
N ARG A 9 -5.43 -0.57 12.29
CA ARG A 9 -5.37 -0.22 10.87
C ARG A 9 -5.55 1.28 10.67
N PRO A 10 -4.46 2.03 10.83
CA PRO A 10 -4.47 3.50 10.67
C PRO A 10 -4.68 3.92 9.23
N SER A 11 -5.01 5.19 9.02
CA SER A 11 -5.25 5.72 7.69
C SER A 11 -3.94 5.82 6.91
N VAL A 12 -3.52 4.72 6.32
CA VAL A 12 -2.29 4.68 5.54
C VAL A 12 -2.56 4.31 4.09
N PRO A 13 -1.67 4.76 3.19
CA PRO A 13 -1.79 4.49 1.75
C PRO A 13 -1.56 3.01 1.42
N ALA A 14 -1.94 2.62 0.20
CA ALA A 14 -1.77 1.25 -0.24
C ALA A 14 -0.31 0.80 -0.14
N HIS A 15 0.59 1.78 -0.19
CA HIS A 15 2.03 1.49 -0.09
C HIS A 15 2.61 2.09 1.19
N ARG A 16 3.94 2.06 1.28
CA ARG A 16 4.63 2.60 2.44
C ARG A 16 5.58 3.73 2.05
N ARG A 17 5.14 4.57 1.12
CA ARG A 17 5.96 5.69 0.65
C ARG A 17 5.20 6.50 -0.40
N VAL A 18 5.89 7.46 -1.01
CA VAL A 18 5.30 8.30 -2.03
C VAL A 18 5.89 8.02 -3.40
N ARG A 19 7.13 7.51 -3.40
CA ARG A 19 7.81 7.20 -4.66
C ARG A 19 7.99 5.69 -4.82
N GLU A 20 6.93 4.94 -4.53
CA GLU A 20 6.96 3.49 -4.64
C GLU A 20 5.99 3.00 -5.70
N SER A 21 6.26 1.82 -6.25
CA SER A 21 5.41 1.24 -7.28
C SER A 21 5.53 -0.28 -7.29
N PRO A 22 4.92 -0.93 -6.29
CA PRO A 22 4.94 -2.38 -6.15
C PRO A 22 4.11 -3.07 -7.22
N LEU A 23 3.90 -4.38 -7.06
CA LEU A 23 3.12 -5.15 -8.01
C LEU A 23 1.62 -4.97 -7.76
N SER A 24 1.20 -5.16 -6.51
CA SER A 24 -0.20 -5.01 -6.14
C SER A 24 -0.75 -3.66 -6.62
N SER A 25 0.12 -2.67 -6.69
CA SER A 25 -0.27 -1.34 -7.13
C SER A 25 -1.01 -1.40 -8.46
N ASP A 26 -0.56 -2.29 -9.34
CA ASP A 26 -1.18 -2.46 -10.65
C ASP A 26 -2.26 -3.53 -10.61
N ALA A 27 -2.15 -4.44 -9.65
CA ALA A 27 -3.12 -5.52 -9.50
C ALA A 27 -4.52 -4.96 -9.25
N ILE A 28 -4.58 -3.73 -8.74
CA ILE A 28 -5.86 -3.08 -8.46
C ILE A 28 -6.73 -3.02 -9.71
N PHE A 29 -6.09 -2.94 -10.87
CA PHE A 29 -6.81 -2.86 -12.14
C PHE A 29 -6.91 -4.24 -12.78
N LYS A 30 -6.22 -5.21 -12.20
CA LYS A 30 -6.23 -6.58 -12.71
C LYS A 30 -7.61 -7.22 -12.51
N GLN A 31 -8.34 -6.74 -11.52
CA GLN A 31 -9.67 -7.25 -11.23
C GLN A 31 -10.65 -6.90 -12.34
N SER A 32 -10.45 -5.74 -12.95
CA SER A 32 -11.32 -5.28 -14.02
C SER A 32 -11.32 -6.26 -15.19
N HIS A 33 -10.24 -7.01 -15.32
CA HIS A 33 -10.11 -8.00 -16.39
C HIS A 33 -10.08 -9.41 -15.82
N ASN A 1 10.99 3.37 5.97
CA ASN A 1 9.85 3.61 6.86
C ASN A 1 9.54 5.11 6.95
N VAL A 2 8.30 5.46 6.59
CA VAL A 2 7.87 6.85 6.64
C VAL A 2 6.38 6.97 6.40
N ASP A 3 5.68 7.61 7.33
CA ASP A 3 4.24 7.79 7.22
C ASP A 3 3.51 6.45 7.24
N VAL A 4 3.87 5.61 8.21
CA VAL A 4 3.27 4.29 8.34
C VAL A 4 2.19 4.29 9.42
N ARG A 5 1.35 5.32 9.41
CA ARG A 5 0.27 5.43 10.39
C ARG A 5 -1.03 4.84 9.85
N TYR A 6 -1.49 3.77 10.49
CA TYR A 6 -2.72 3.11 10.08
C TYR A 6 -3.72 3.05 11.22
N THR A 7 -4.96 2.66 10.91
CA THR A 7 -6.01 2.56 11.90
C THR A 7 -6.77 1.25 11.77
N TYR A 8 -6.13 0.25 11.17
CA TYR A 8 -6.75 -1.05 10.98
C TYR A 8 -5.73 -2.06 10.45
N ARG A 9 -6.21 -3.25 10.10
CA ARG A 9 -5.35 -4.30 9.58
C ARG A 9 -5.60 -4.53 8.09
N PRO A 10 -4.95 -3.72 7.25
CA PRO A 10 -5.08 -3.82 5.79
C PRO A 10 -4.45 -5.08 5.23
N SER A 11 -4.78 -5.40 3.98
CA SER A 11 -4.24 -6.59 3.33
C SER A 11 -2.73 -6.49 3.18
N VAL A 12 -2.26 -5.34 2.70
CA VAL A 12 -0.84 -5.12 2.50
C VAL A 12 -0.50 -3.63 2.59
N PRO A 13 0.75 -3.33 2.97
CA PRO A 13 1.23 -1.95 3.10
C PRO A 13 1.35 -1.25 1.75
N ALA A 14 0.73 -0.09 1.63
CA ALA A 14 0.77 0.69 0.39
C ALA A 14 2.21 0.97 -0.03
N HIS A 15 3.04 1.31 0.94
CA HIS A 15 4.45 1.60 0.67
C HIS A 15 5.20 1.94 1.96
N ARG A 16 6.52 1.87 1.90
CA ARG A 16 7.35 2.16 3.07
C ARG A 16 8.39 3.23 2.74
N ARG A 17 7.99 4.23 1.96
CA ARG A 17 8.90 5.29 1.58
C ARG A 17 8.12 6.54 1.15
N VAL A 18 8.84 7.60 0.82
CA VAL A 18 8.22 8.85 0.39
C VAL A 18 7.85 8.81 -1.09
N ARG A 19 8.59 8.02 -1.85
CA ARG A 19 8.35 7.90 -3.28
C ARG A 19 8.52 6.44 -3.73
N GLU A 20 7.54 5.61 -3.39
CA GLU A 20 7.59 4.19 -3.76
C GLU A 20 6.33 3.79 -4.53
N SER A 21 6.52 3.36 -5.77
CA SER A 21 5.40 2.95 -6.61
C SER A 21 5.46 1.46 -6.92
N PRO A 22 5.16 0.62 -5.91
CA PRO A 22 5.18 -0.83 -6.06
C PRO A 22 4.05 -1.34 -6.96
N LEU A 23 4.17 -2.59 -7.38
CA LEU A 23 3.15 -3.20 -8.24
C LEU A 23 2.27 -4.16 -7.45
N SER A 24 2.90 -5.17 -6.84
CA SER A 24 2.17 -6.15 -6.06
C SER A 24 1.27 -5.47 -5.03
N SER A 25 1.69 -4.30 -4.57
CA SER A 25 0.91 -3.54 -3.58
C SER A 25 -0.40 -3.05 -4.19
N ASP A 26 -0.35 -2.67 -5.46
CA ASP A 26 -1.54 -2.17 -6.15
C ASP A 26 -2.33 -3.33 -6.77
N ALA A 27 -1.64 -4.43 -7.03
CA ALA A 27 -2.27 -5.61 -7.62
C ALA A 27 -3.42 -6.10 -6.77
N ILE A 28 -3.40 -5.75 -5.48
CA ILE A 28 -4.45 -6.16 -4.55
C ILE A 28 -5.81 -5.69 -5.04
N PHE A 29 -5.83 -4.56 -5.74
CA PHE A 29 -7.07 -4.00 -6.26
C PHE A 29 -7.30 -4.42 -7.71
N LYS A 30 -6.28 -5.05 -8.30
CA LYS A 30 -6.36 -5.51 -9.68
C LYS A 30 -7.59 -6.38 -9.89
N GLN A 31 -8.01 -7.06 -8.84
CA GLN A 31 -9.18 -7.94 -8.90
C GLN A 31 -10.40 -7.18 -9.39
N SER A 32 -10.49 -5.91 -9.03
CA SER A 32 -11.61 -5.08 -9.43
C SER A 32 -11.46 -4.61 -10.88
N HIS A 33 -10.22 -4.29 -11.27
CA HIS A 33 -9.94 -3.83 -12.63
C HIS A 33 -9.62 -5.01 -13.53
N ASN A 1 9.57 5.91 8.61
CA ASN A 1 8.26 6.07 7.98
C ASN A 1 7.89 7.55 7.89
N VAL A 2 7.19 7.90 6.80
CA VAL A 2 6.78 9.28 6.59
C VAL A 2 5.27 9.36 6.30
N ASP A 3 4.59 8.24 6.48
CA ASP A 3 3.15 8.18 6.23
C ASP A 3 2.56 6.89 6.79
N VAL A 4 2.11 6.95 8.04
CA VAL A 4 1.52 5.79 8.70
C VAL A 4 0.13 6.11 9.24
N ARG A 5 -0.88 5.48 8.65
CA ARG A 5 -2.26 5.70 9.08
C ARG A 5 -3.16 4.55 8.63
N TYR A 6 -3.56 3.72 9.58
CA TYR A 6 -4.41 2.57 9.28
C TYR A 6 -5.39 2.31 10.43
N THR A 7 -6.36 1.45 10.18
CA THR A 7 -7.36 1.10 11.18
C THR A 7 -7.59 -0.40 11.24
N TYR A 8 -6.59 -1.16 10.82
CA TYR A 8 -6.68 -2.62 10.83
C TYR A 8 -5.34 -3.25 10.46
N ARG A 9 -5.36 -4.56 10.22
CA ARG A 9 -4.15 -5.28 9.85
C ARG A 9 -4.20 -5.74 8.40
N PRO A 10 -3.82 -4.83 7.48
CA PRO A 10 -3.82 -5.10 6.04
C PRO A 10 -2.74 -6.09 5.65
N SER A 11 -2.85 -6.63 4.44
CA SER A 11 -1.86 -7.60 3.94
C SER A 11 -0.50 -6.94 3.78
N VAL A 12 -0.47 -5.82 3.07
CA VAL A 12 0.78 -5.09 2.84
C VAL A 12 0.52 -3.61 2.62
N PRO A 13 1.53 -2.78 2.93
CA PRO A 13 1.43 -1.32 2.78
C PRO A 13 1.39 -0.89 1.31
N ALA A 14 1.01 0.37 1.09
CA ALA A 14 0.93 0.89 -0.27
C ALA A 14 2.24 1.56 -0.68
N HIS A 15 2.84 2.29 0.26
CA HIS A 15 4.10 2.99 0.00
C HIS A 15 4.60 3.70 1.25
N ARG A 16 5.89 3.56 1.53
CA ARG A 16 6.49 4.19 2.70
C ARG A 16 7.81 4.86 2.34
N ARG A 17 7.84 5.50 1.18
CA ARG A 17 9.06 6.19 0.71
C ARG A 17 8.71 7.25 -0.33
N VAL A 18 9.74 7.94 -0.81
CA VAL A 18 9.55 9.00 -1.80
C VAL A 18 9.64 8.43 -3.22
N ARG A 19 10.37 7.33 -3.37
CA ARG A 19 10.54 6.70 -4.67
C ARG A 19 10.19 5.21 -4.60
N GLU A 20 9.04 4.91 -4.00
CA GLU A 20 8.59 3.54 -3.86
C GLU A 20 7.12 3.40 -4.23
N SER A 21 6.83 3.40 -5.53
CA SER A 21 5.47 3.29 -6.02
C SER A 21 5.28 2.01 -6.82
N PRO A 22 5.24 0.86 -6.12
CA PRO A 22 5.07 -0.45 -6.75
C PRO A 22 3.67 -0.63 -7.32
N LEU A 23 3.52 -1.63 -8.19
CA LEU A 23 2.22 -1.92 -8.81
C LEU A 23 1.58 -3.15 -8.18
N SER A 24 2.33 -4.25 -8.17
CA SER A 24 1.83 -5.50 -7.60
C SER A 24 1.31 -5.28 -6.19
N SER A 25 1.89 -4.31 -5.49
CA SER A 25 1.48 -4.00 -4.12
C SER A 25 0.07 -3.43 -4.09
N ASP A 26 -0.27 -2.64 -5.10
CA ASP A 26 -1.58 -2.03 -5.19
C ASP A 26 -2.57 -2.97 -5.89
N ALA A 27 -2.04 -3.87 -6.70
CA ALA A 27 -2.86 -4.82 -7.43
C ALA A 27 -3.72 -5.65 -6.47
N ILE A 28 -3.28 -5.75 -5.22
CA ILE A 28 -4.00 -6.51 -4.22
C ILE A 28 -5.43 -6.01 -4.07
N PHE A 29 -5.63 -4.71 -4.32
CA PHE A 29 -6.95 -4.11 -4.22
C PHE A 29 -7.63 -4.04 -5.58
N LYS A 30 -6.87 -4.37 -6.62
CA LYS A 30 -7.40 -4.35 -7.99
C LYS A 30 -8.64 -5.22 -8.11
N GLN A 31 -8.74 -6.23 -7.23
CA GLN A 31 -9.87 -7.13 -7.24
C GLN A 31 -11.19 -6.36 -7.20
N SER A 32 -11.16 -5.19 -6.56
CA SER A 32 -12.34 -4.35 -6.45
C SER A 32 -12.58 -3.56 -7.74
N HIS A 33 -11.50 -3.19 -8.40
CA HIS A 33 -11.58 -2.42 -9.63
C HIS A 33 -11.92 -3.32 -10.81
N ASN A 1 5.42 7.03 1.80
CA ASN A 1 5.28 7.80 3.03
C ASN A 1 4.84 6.90 4.19
N VAL A 2 5.64 6.87 5.25
CA VAL A 2 5.33 6.05 6.41
C VAL A 2 4.00 6.47 7.04
N ASP A 3 2.95 5.70 6.77
CA ASP A 3 1.63 5.99 7.31
C ASP A 3 1.40 5.26 8.63
N VAL A 4 0.86 5.96 9.61
CA VAL A 4 0.59 5.37 10.91
C VAL A 4 -0.91 5.31 11.20
N ARG A 5 -1.71 5.30 10.12
CA ARG A 5 -3.16 5.24 10.26
C ARG A 5 -3.70 3.97 9.61
N TYR A 6 -3.91 2.94 10.43
CA TYR A 6 -4.44 1.68 9.94
C TYR A 6 -5.69 1.28 10.70
N THR A 7 -6.46 0.36 10.13
CA THR A 7 -7.69 -0.11 10.75
C THR A 7 -7.82 -1.63 10.64
N TYR A 8 -6.70 -2.30 10.40
CA TYR A 8 -6.69 -3.75 10.27
C TYR A 8 -5.26 -4.28 10.19
N ARG A 9 -5.13 -5.56 9.87
CA ARG A 9 -3.82 -6.19 9.75
C ARG A 9 -3.49 -6.50 8.30
N PRO A 10 -2.97 -5.49 7.58
CA PRO A 10 -2.60 -5.64 6.17
C PRO A 10 -1.38 -6.53 5.98
N SER A 11 -1.15 -6.97 4.74
CA SER A 11 -0.02 -7.82 4.42
C SER A 11 1.28 -7.03 4.39
N VAL A 12 1.42 -6.18 3.37
CA VAL A 12 2.61 -5.36 3.22
C VAL A 12 2.24 -3.91 2.97
N PRO A 13 3.16 -2.99 3.34
CA PRO A 13 2.95 -1.55 3.17
C PRO A 13 2.98 -1.13 1.71
N ALA A 14 1.94 -0.42 1.28
CA ALA A 14 1.85 0.05 -0.10
C ALA A 14 3.11 0.78 -0.51
N HIS A 15 3.65 1.61 0.39
CA HIS A 15 4.86 2.37 0.11
C HIS A 15 5.27 3.19 1.33
N ARG A 16 6.57 3.44 1.45
CA ARG A 16 7.09 4.21 2.56
C ARG A 16 8.38 4.93 2.18
N ARG A 17 8.40 5.48 0.97
CA ARG A 17 9.57 6.19 0.47
C ARG A 17 9.18 7.26 -0.55
N VAL A 18 10.17 7.99 -1.05
CA VAL A 18 9.91 9.04 -2.03
C VAL A 18 9.94 8.48 -3.45
N ARG A 19 10.69 7.40 -3.64
CA ARG A 19 10.79 6.76 -4.94
C ARG A 19 10.45 5.28 -4.87
N GLU A 20 9.24 4.98 -4.42
CA GLU A 20 8.79 3.60 -4.29
C GLU A 20 7.38 3.42 -4.85
N SER A 21 7.18 2.38 -5.65
CA SER A 21 5.89 2.11 -6.24
C SER A 21 5.78 0.66 -6.68
N PRO A 22 5.65 -0.25 -5.70
CA PRO A 22 5.54 -1.69 -5.96
C PRO A 22 4.21 -2.06 -6.61
N LEU A 23 3.94 -3.36 -6.70
CA LEU A 23 2.71 -3.85 -7.30
C LEU A 23 1.56 -3.81 -6.30
N SER A 24 1.81 -4.37 -5.11
CA SER A 24 0.79 -4.41 -4.06
C SER A 24 0.22 -3.02 -3.82
N SER A 25 1.04 -2.00 -4.03
CA SER A 25 0.60 -0.62 -3.84
C SER A 25 -0.69 -0.34 -4.59
N ASP A 26 -0.73 -0.71 -5.86
CA ASP A 26 -1.92 -0.50 -6.69
C ASP A 26 -2.85 -1.70 -6.60
N ALA A 27 -2.29 -2.86 -6.29
CA ALA A 27 -3.08 -4.08 -6.17
C ALA A 27 -4.20 -3.92 -5.15
N ILE A 28 -4.02 -2.98 -4.22
CA ILE A 28 -5.02 -2.73 -3.19
C ILE A 28 -6.38 -2.39 -3.80
N PHE A 29 -6.34 -1.79 -4.99
CA PHE A 29 -7.57 -1.41 -5.68
C PHE A 29 -7.96 -2.48 -6.71
N LYS A 30 -7.07 -3.43 -6.92
CA LYS A 30 -7.32 -4.51 -7.88
C LYS A 30 -8.65 -5.20 -7.58
N GLN A 31 -9.05 -5.19 -6.32
CA GLN A 31 -10.31 -5.81 -5.91
C GLN A 31 -11.49 -5.17 -6.63
N SER A 32 -11.39 -3.86 -6.88
CA SER A 32 -12.45 -3.13 -7.55
C SER A 32 -12.33 -3.27 -9.06
N HIS A 33 -11.13 -3.01 -9.58
CA HIS A 33 -10.89 -3.11 -11.01
C HIS A 33 -11.27 -4.49 -11.54
N ASN A 1 4.19 7.23 5.39
CA ASN A 1 5.22 6.64 6.23
C ASN A 1 4.67 5.44 7.01
N VAL A 2 3.81 4.67 6.36
CA VAL A 2 3.21 3.50 6.99
C VAL A 2 4.24 2.41 7.23
N ASP A 3 4.24 1.85 8.43
CA ASP A 3 5.18 0.79 8.79
C ASP A 3 4.59 -0.58 8.48
N VAL A 4 5.32 -1.63 8.85
CA VAL A 4 4.88 -2.99 8.62
C VAL A 4 4.22 -3.58 9.87
N ARG A 5 3.72 -2.70 10.73
CA ARG A 5 3.08 -3.14 11.97
C ARG A 5 1.81 -2.32 12.24
N TYR A 6 0.66 -2.94 12.05
CA TYR A 6 -0.61 -2.26 12.27
C TYR A 6 -1.64 -3.21 12.87
N THR A 7 -2.76 -2.66 13.33
CA THR A 7 -3.82 -3.45 13.94
C THR A 7 -5.18 -3.07 13.37
N TYR A 8 -5.19 -2.57 12.14
CA TYR A 8 -6.43 -2.16 11.49
C TYR A 8 -6.18 -1.75 10.04
N ARG A 9 -7.19 -1.16 9.42
CA ARG A 9 -7.07 -0.71 8.03
C ARG A 9 -7.05 0.81 7.95
N PRO A 10 -5.86 1.39 8.14
CA PRO A 10 -5.67 2.85 8.10
C PRO A 10 -5.83 3.41 6.68
N SER A 11 -5.99 4.72 6.58
CA SER A 11 -6.14 5.38 5.29
C SER A 11 -4.80 5.84 4.75
N VAL A 12 -3.80 4.96 4.82
CA VAL A 12 -2.47 5.28 4.33
C VAL A 12 -2.43 5.31 2.81
N PRO A 13 -1.48 6.08 2.25
CA PRO A 13 -1.32 6.21 0.80
C PRO A 13 -0.79 4.94 0.16
N ALA A 14 -0.88 4.87 -1.16
CA ALA A 14 -0.42 3.70 -1.90
C ALA A 14 1.09 3.54 -1.78
N HIS A 15 1.79 4.67 -1.57
CA HIS A 15 3.24 4.65 -1.43
C HIS A 15 3.67 5.36 -0.15
N ARG A 16 4.76 4.88 0.45
CA ARG A 16 5.27 5.46 1.68
C ARG A 16 6.68 6.02 1.47
N ARG A 17 6.91 6.64 0.32
CA ARG A 17 8.21 7.21 0.00
C ARG A 17 8.08 8.28 -1.08
N VAL A 18 9.22 8.87 -1.46
CA VAL A 18 9.23 9.91 -2.48
C VAL A 18 9.30 9.31 -3.88
N ARG A 19 9.83 8.09 -3.97
CA ARG A 19 9.95 7.41 -5.25
C ARG A 19 9.84 5.90 -5.06
N GLU A 20 8.62 5.43 -4.84
CA GLU A 20 8.37 4.01 -4.64
C GLU A 20 7.17 3.55 -5.47
N SER A 21 7.19 2.28 -5.87
CA SER A 21 6.10 1.72 -6.68
C SER A 21 6.23 0.21 -6.78
N PRO A 22 5.98 -0.49 -5.66
CA PRO A 22 6.06 -1.95 -5.59
C PRO A 22 4.94 -2.63 -6.39
N LEU A 23 4.83 -3.95 -6.23
CA LEU A 23 3.80 -4.71 -6.92
C LEU A 23 2.47 -4.63 -6.18
N SER A 24 2.50 -4.88 -4.89
CA SER A 24 1.30 -4.85 -4.07
C SER A 24 0.55 -3.53 -4.26
N SER A 25 1.30 -2.47 -4.55
CA SER A 25 0.71 -1.15 -4.76
C SER A 25 -0.42 -1.22 -5.78
N ASP A 26 -0.22 -2.02 -6.83
CA ASP A 26 -1.23 -2.17 -7.88
C ASP A 26 -2.28 -3.19 -7.47
N ALA A 27 -1.94 -4.06 -6.53
CA ALA A 27 -2.86 -5.08 -6.05
C ALA A 27 -4.14 -4.45 -5.50
N ILE A 28 -4.05 -3.18 -5.11
CA ILE A 28 -5.19 -2.47 -4.56
C ILE A 28 -6.35 -2.47 -5.54
N PHE A 29 -6.03 -2.50 -6.84
CA PHE A 29 -7.05 -2.50 -7.87
C PHE A 29 -7.35 -3.92 -8.34
N LYS A 30 -6.54 -4.87 -7.87
CA LYS A 30 -6.71 -6.27 -8.25
C LYS A 30 -8.13 -6.73 -7.96
N GLN A 31 -8.77 -6.13 -6.96
CA GLN A 31 -10.13 -6.48 -6.58
C GLN A 31 -11.09 -6.23 -7.73
N SER A 32 -10.83 -5.18 -8.51
CA SER A 32 -11.67 -4.83 -9.64
C SER A 32 -11.75 -5.98 -10.64
N HIS A 33 -10.61 -6.57 -10.94
CA HIS A 33 -10.55 -7.70 -11.88
C HIS A 33 -11.13 -8.96 -11.25
N ASN A 1 5.90 8.47 3.82
CA ASN A 1 6.31 7.37 4.67
C ASN A 1 5.29 7.13 5.79
N VAL A 2 4.88 5.88 5.95
CA VAL A 2 3.92 5.52 6.99
C VAL A 2 4.62 5.27 8.33
N ASP A 3 3.99 5.73 9.40
CA ASP A 3 4.54 5.56 10.74
C ASP A 3 4.17 4.19 11.32
N VAL A 4 4.60 3.94 12.54
CA VAL A 4 4.31 2.67 13.21
C VAL A 4 3.05 2.77 14.05
N ARG A 5 2.26 3.81 13.81
CA ARG A 5 1.02 4.01 14.55
C ARG A 5 -0.16 4.17 13.60
N TYR A 6 -1.04 3.17 13.60
CA TYR A 6 -2.22 3.19 12.73
C TYR A 6 -3.50 3.34 13.55
N THR A 7 -4.61 3.54 12.86
CA THR A 7 -5.91 3.69 13.52
C THR A 7 -6.98 2.86 12.84
N TYR A 8 -6.55 1.79 12.17
CA TYR A 8 -7.48 0.90 11.47
C TYR A 8 -6.74 -0.31 10.91
N ARG A 9 -7.44 -1.08 10.06
CA ARG A 9 -6.86 -2.26 9.46
C ARG A 9 -6.62 -2.06 7.96
N PRO A 10 -5.49 -1.43 7.62
CA PRO A 10 -5.13 -1.15 6.23
C PRO A 10 -4.77 -2.42 5.46
N SER A 11 -5.47 -2.65 4.35
CA SER A 11 -5.23 -3.82 3.52
C SER A 11 -3.75 -3.95 3.16
N VAL A 12 -3.17 -2.83 2.73
CA VAL A 12 -1.76 -2.80 2.34
C VAL A 12 -1.16 -1.42 2.55
N PRO A 13 0.16 -1.38 2.76
CA PRO A 13 0.90 -0.12 2.97
C PRO A 13 0.96 0.73 1.71
N ALA A 14 0.53 1.99 1.84
CA ALA A 14 0.54 2.91 0.71
C ALA A 14 1.92 2.99 0.07
N HIS A 15 2.94 3.14 0.91
CA HIS A 15 4.32 3.22 0.43
C HIS A 15 5.30 3.26 1.59
N ARG A 16 6.33 2.42 1.52
CA ARG A 16 7.34 2.35 2.57
C ARG A 16 8.71 2.73 2.03
N ARG A 17 8.74 3.75 1.17
CA ARG A 17 10.00 4.21 0.58
C ARG A 17 9.94 5.70 0.30
N VAL A 18 11.07 6.26 -0.11
CA VAL A 18 11.17 7.69 -0.41
C VAL A 18 10.57 8.00 -1.78
N ARG A 19 10.72 7.06 -2.71
CA ARG A 19 10.20 7.24 -4.06
C ARG A 19 9.48 5.98 -4.53
N GLU A 20 8.22 5.84 -4.14
CA GLU A 20 7.42 4.68 -4.52
C GLU A 20 5.97 5.08 -4.76
N SER A 21 5.30 4.34 -5.65
CA SER A 21 3.91 4.61 -5.97
C SER A 21 3.21 3.37 -6.49
N PRO A 22 2.96 2.40 -5.58
CA PRO A 22 2.30 1.14 -5.93
C PRO A 22 0.82 1.34 -6.26
N LEU A 23 0.57 2.00 -7.39
CA LEU A 23 -0.80 2.25 -7.83
C LEU A 23 -1.19 1.32 -8.97
N SER A 24 -0.49 1.46 -10.10
CA SER A 24 -0.76 0.64 -11.27
C SER A 24 -0.20 -0.77 -11.08
N SER A 25 0.84 -0.89 -10.25
CA SER A 25 1.46 -2.17 -9.98
C SER A 25 0.49 -3.11 -9.27
N ASP A 26 -0.21 -2.58 -8.28
CA ASP A 26 -1.18 -3.37 -7.52
C ASP A 26 -2.39 -3.72 -8.37
N ALA A 27 -2.69 -2.86 -9.34
CA ALA A 27 -3.83 -3.08 -10.23
C ALA A 27 -3.72 -4.42 -10.94
N ILE A 28 -2.49 -4.88 -11.14
CA ILE A 28 -2.25 -6.15 -11.82
C ILE A 28 -3.05 -7.27 -11.17
N PHE A 29 -3.12 -7.26 -9.84
CA PHE A 29 -3.85 -8.27 -9.09
C PHE A 29 -5.28 -7.82 -8.82
N LYS A 30 -5.48 -6.51 -8.76
CA LYS A 30 -6.79 -5.93 -8.50
C LYS A 30 -7.81 -6.46 -9.51
N GLN A 31 -7.34 -6.78 -10.72
CA GLN A 31 -8.21 -7.28 -11.76
C GLN A 31 -8.88 -8.59 -11.34
N SER A 32 -8.17 -9.38 -10.54
CA SER A 32 -8.71 -10.65 -10.07
C SER A 32 -9.55 -10.45 -8.81
N HIS A 33 -9.25 -9.40 -8.07
CA HIS A 33 -9.98 -9.09 -6.84
C HIS A 33 -11.43 -8.75 -7.15
N ASN A 1 6.98 7.76 5.61
CA ASN A 1 7.66 6.74 6.40
C ASN A 1 7.05 6.65 7.80
N VAL A 2 5.72 6.69 7.86
CA VAL A 2 5.01 6.61 9.13
C VAL A 2 4.20 5.33 9.23
N ASP A 3 4.88 4.23 9.58
CA ASP A 3 4.22 2.93 9.71
C ASP A 3 5.19 1.89 10.26
N VAL A 4 5.45 1.95 11.55
CA VAL A 4 6.36 1.01 12.20
C VAL A 4 5.73 0.40 13.45
N ARG A 5 5.51 -0.91 13.42
CA ARG A 5 4.91 -1.61 14.54
C ARG A 5 3.61 -0.93 14.98
N TYR A 6 2.69 -0.78 14.04
CA TYR A 6 1.40 -0.16 14.32
C TYR A 6 0.55 -1.04 15.23
N THR A 7 -0.63 -0.55 15.59
CA THR A 7 -1.54 -1.28 16.46
C THR A 7 -2.99 -1.06 16.06
N TYR A 8 -3.20 -0.69 14.79
CA TYR A 8 -4.54 -0.45 14.28
C TYR A 8 -4.52 -0.18 12.78
N ARG A 9 -5.64 0.27 12.24
CA ARG A 9 -5.75 0.56 10.82
C ARG A 9 -5.86 2.07 10.58
N PRO A 10 -4.71 2.75 10.55
CA PRO A 10 -4.66 4.21 10.33
C PRO A 10 -5.03 4.59 8.91
N SER A 11 -5.31 5.87 8.69
CA SER A 11 -5.69 6.37 7.38
C SER A 11 -4.46 6.78 6.59
N VAL A 12 -3.47 5.90 6.52
CA VAL A 12 -2.24 6.17 5.79
C VAL A 12 -2.47 6.11 4.29
N PRO A 13 -1.64 6.84 3.54
CA PRO A 13 -1.74 6.89 2.07
C PRO A 13 -1.32 5.57 1.42
N ALA A 14 -1.66 5.42 0.14
CA ALA A 14 -1.32 4.21 -0.60
C ALA A 14 0.15 3.87 -0.47
N HIS A 15 0.99 4.91 -0.40
CA HIS A 15 2.43 4.73 -0.28
C HIS A 15 2.96 5.38 0.99
N ARG A 16 3.68 4.61 1.79
CA ARG A 16 4.24 5.11 3.05
C ARG A 16 5.76 4.95 3.07
N ARG A 17 6.39 5.23 1.94
CA ARG A 17 7.84 5.12 1.82
C ARG A 17 8.38 6.15 0.82
N VAL A 18 9.70 6.15 0.65
CA VAL A 18 10.35 7.07 -0.27
C VAL A 18 10.35 6.52 -1.70
N ARG A 19 10.30 5.19 -1.80
CA ARG A 19 10.30 4.53 -3.10
C ARG A 19 9.16 3.53 -3.19
N GLU A 20 7.93 4.04 -3.32
CA GLU A 20 6.76 3.19 -3.42
C GLU A 20 5.70 3.83 -4.32
N SER A 21 5.33 3.13 -5.39
CA SER A 21 4.34 3.63 -6.33
C SER A 21 3.28 2.57 -6.61
N PRO A 22 2.44 2.29 -5.60
CA PRO A 22 1.37 1.30 -5.70
C PRO A 22 0.25 1.76 -6.62
N LEU A 23 0.55 1.85 -7.91
CA LEU A 23 -0.43 2.27 -8.90
C LEU A 23 -0.95 1.09 -9.71
N SER A 24 -0.05 0.44 -10.44
CA SER A 24 -0.41 -0.72 -11.26
C SER A 24 -0.12 -2.01 -10.52
N SER A 25 -0.20 -1.96 -9.19
CA SER A 25 0.07 -3.13 -8.37
C SER A 25 -1.17 -4.03 -8.31
N ASP A 26 -2.34 -3.43 -8.22
CA ASP A 26 -3.59 -4.17 -8.16
C ASP A 26 -3.97 -4.71 -9.54
N ALA A 27 -3.54 -4.01 -10.58
CA ALA A 27 -3.83 -4.40 -11.95
C ALA A 27 -3.35 -5.83 -12.21
N ILE A 28 -2.35 -6.27 -11.45
CA ILE A 28 -1.81 -7.62 -11.61
C ILE A 28 -2.91 -8.66 -11.58
N PHE A 29 -3.91 -8.44 -10.72
CA PHE A 29 -5.03 -9.37 -10.58
C PHE A 29 -6.19 -8.94 -11.48
N LYS A 30 -6.27 -7.65 -11.76
CA LYS A 30 -7.33 -7.11 -12.60
C LYS A 30 -7.33 -7.79 -13.98
N GLN A 31 -6.16 -8.26 -14.40
CA GLN A 31 -6.02 -8.93 -15.69
C GLN A 31 -6.73 -10.28 -15.68
N SER A 32 -6.79 -10.90 -14.51
CA SER A 32 -7.43 -12.21 -14.37
C SER A 32 -8.87 -12.15 -14.86
N HIS A 33 -9.49 -10.99 -14.72
CA HIS A 33 -10.87 -10.80 -15.16
C HIS A 33 -10.97 -9.74 -16.25
N ASN A 1 2.11 8.34 4.93
CA ASN A 1 3.25 7.81 5.64
C ASN A 1 2.83 6.74 6.64
N VAL A 2 3.41 5.55 6.51
CA VAL A 2 3.09 4.44 7.40
C VAL A 2 3.38 4.79 8.84
N ASP A 3 3.17 3.82 9.74
CA ASP A 3 3.42 4.03 11.15
C ASP A 3 3.88 2.73 11.82
N VAL A 4 4.38 2.85 13.05
CA VAL A 4 4.85 1.68 13.79
C VAL A 4 3.73 1.06 14.60
N ARG A 5 2.50 1.53 14.37
CA ARG A 5 1.34 1.01 15.09
C ARG A 5 0.77 -0.22 14.38
N TYR A 6 0.80 -1.35 15.06
CA TYR A 6 0.29 -2.60 14.51
C TYR A 6 -0.81 -3.18 15.39
N THR A 7 -1.66 -2.30 15.91
CA THR A 7 -2.77 -2.72 16.78
C THR A 7 -4.10 -2.59 16.05
N TYR A 8 -4.05 -2.48 14.73
CA TYR A 8 -5.25 -2.35 13.93
C TYR A 8 -4.94 -2.38 12.44
N ARG A 9 -5.92 -2.05 11.61
CA ARG A 9 -5.74 -2.04 10.17
C ARG A 9 -5.76 -0.61 9.63
N PRO A 10 -4.60 0.05 9.70
CA PRO A 10 -4.45 1.43 9.22
C PRO A 10 -4.53 1.53 7.69
N SER A 11 -5.46 2.36 7.21
CA SER A 11 -5.64 2.53 5.78
C SER A 11 -4.49 3.33 5.18
N VAL A 12 -3.38 2.63 4.89
CA VAL A 12 -2.21 3.27 4.31
C VAL A 12 -2.44 3.62 2.85
N PRO A 13 -1.72 4.65 2.37
CA PRO A 13 -1.83 5.11 0.99
C PRO A 13 -1.25 4.11 -0.01
N ALA A 14 -1.56 4.30 -1.28
CA ALA A 14 -1.07 3.41 -2.33
C ALA A 14 0.45 3.46 -2.43
N HIS A 15 1.03 4.58 -1.99
CA HIS A 15 2.48 4.75 -2.03
C HIS A 15 3.02 5.12 -0.66
N ARG A 16 3.85 4.25 -0.10
CA ARG A 16 4.43 4.49 1.21
C ARG A 16 5.88 4.96 1.10
N ARG A 17 6.12 5.82 0.11
CA ARG A 17 7.46 6.36 -0.11
C ARG A 17 7.45 7.43 -1.20
N VAL A 18 8.63 7.95 -1.53
CA VAL A 18 8.75 8.98 -2.55
C VAL A 18 8.90 8.36 -3.94
N ARG A 19 9.36 7.12 -3.98
CA ARG A 19 9.56 6.43 -5.25
C ARG A 19 9.32 4.92 -5.07
N GLU A 20 8.29 4.58 -4.32
CA GLU A 20 7.96 3.18 -4.09
C GLU A 20 7.76 2.43 -5.39
N SER A 21 7.80 1.10 -5.33
CA SER A 21 7.63 0.27 -6.51
C SER A 21 7.44 -1.19 -6.13
N PRO A 22 6.29 -1.49 -5.51
CA PRO A 22 5.96 -2.85 -5.08
C PRO A 22 5.68 -3.79 -6.25
N LEU A 23 5.41 -5.05 -5.94
CA LEU A 23 5.14 -6.05 -6.97
C LEU A 23 3.65 -6.05 -7.34
N SER A 24 2.80 -5.89 -6.34
CA SER A 24 1.36 -5.89 -6.55
C SER A 24 0.85 -4.46 -6.75
N SER A 25 1.57 -3.70 -7.58
CA SER A 25 1.20 -2.32 -7.85
C SER A 25 0.14 -2.25 -8.95
N ASP A 26 0.32 -3.06 -9.98
CA ASP A 26 -0.62 -3.10 -11.10
C ASP A 26 -1.78 -4.04 -10.80
N ALA A 27 -1.54 -5.02 -9.94
CA ALA A 27 -2.57 -5.98 -9.57
C ALA A 27 -3.77 -5.28 -8.92
N ILE A 28 -3.54 -4.07 -8.41
CA ILE A 28 -4.60 -3.31 -7.78
C ILE A 28 -5.66 -2.89 -8.79
N PHE A 29 -5.25 -2.77 -10.05
CA PHE A 29 -6.17 -2.38 -11.12
C PHE A 29 -6.70 -3.59 -11.85
N LYS A 30 -5.98 -4.71 -11.76
CA LYS A 30 -6.38 -5.95 -12.41
C LYS A 30 -7.76 -6.39 -11.92
N GLN A 31 -8.16 -5.91 -10.76
CA GLN A 31 -9.45 -6.26 -10.18
C GLN A 31 -10.59 -5.87 -11.12
N SER A 32 -10.34 -4.88 -11.96
CA SER A 32 -11.35 -4.41 -12.91
C SER A 32 -11.33 -5.25 -14.19
N HIS A 33 -10.12 -5.56 -14.66
CA HIS A 33 -9.96 -6.36 -15.86
C HIS A 33 -10.42 -7.79 -15.64
N ASN A 1 3.77 2.15 2.47
CA ASN A 1 3.70 1.95 3.91
C ASN A 1 4.57 0.77 4.34
N VAL A 2 5.71 1.07 4.94
CA VAL A 2 6.64 0.04 5.40
C VAL A 2 6.41 -0.28 6.87
N ASP A 3 5.20 0.00 7.35
CA ASP A 3 4.86 -0.27 8.74
C ASP A 3 4.29 -1.68 8.90
N VAL A 4 4.06 -2.08 10.15
CA VAL A 4 3.53 -3.40 10.43
C VAL A 4 2.06 -3.32 10.88
N ARG A 5 1.37 -2.28 10.41
CA ARG A 5 -0.03 -2.09 10.76
C ARG A 5 -0.94 -2.59 9.65
N TYR A 6 -1.69 -3.65 9.93
CA TYR A 6 -2.60 -4.23 8.95
C TYR A 6 -3.92 -4.64 9.60
N THR A 7 -4.36 -3.84 10.57
CA THR A 7 -5.60 -4.11 11.27
C THR A 7 -6.74 -3.25 10.73
N TYR A 8 -6.46 -2.50 9.67
CA TYR A 8 -7.47 -1.63 9.06
C TYR A 8 -6.92 -0.98 7.79
N ARG A 9 -7.65 0.00 7.28
CA ARG A 9 -7.24 0.71 6.07
C ARG A 9 -6.82 2.14 6.40
N PRO A 10 -5.55 2.30 6.82
CA PRO A 10 -5.00 3.61 7.17
C PRO A 10 -4.81 4.51 5.95
N SER A 11 -4.62 5.80 6.19
CA SER A 11 -4.43 6.76 5.11
C SER A 11 -2.95 6.91 4.76
N VAL A 12 -2.31 5.80 4.42
CA VAL A 12 -0.90 5.80 4.07
C VAL A 12 -0.68 5.32 2.64
N PRO A 13 0.42 5.77 2.03
CA PRO A 13 0.77 5.39 0.65
C PRO A 13 1.17 3.93 0.54
N ALA A 14 1.21 3.42 -0.70
CA ALA A 14 1.59 2.04 -0.95
C ALA A 14 3.04 1.78 -0.57
N HIS A 15 3.87 2.81 -0.68
CA HIS A 15 5.28 2.70 -0.36
C HIS A 15 5.70 3.77 0.65
N ARG A 16 6.85 3.57 1.28
CA ARG A 16 7.36 4.52 2.26
C ARG A 16 8.54 5.30 1.70
N ARG A 17 8.33 5.94 0.56
CA ARG A 17 9.38 6.72 -0.08
C ARG A 17 8.80 7.61 -1.17
N VAL A 18 9.67 8.35 -1.87
CA VAL A 18 9.25 9.24 -2.93
C VAL A 18 9.48 8.61 -4.30
N ARG A 19 10.44 7.69 -4.37
CA ARG A 19 10.75 7.01 -5.62
C ARG A 19 10.64 5.50 -5.46
N GLU A 20 9.47 5.05 -5.01
CA GLU A 20 9.24 3.62 -4.81
C GLU A 20 8.02 3.16 -5.60
N SER A 21 7.99 1.87 -5.92
CA SER A 21 6.88 1.30 -6.69
C SER A 21 6.83 -0.22 -6.52
N PRO A 22 6.39 -0.67 -5.33
CA PRO A 22 6.30 -2.10 -5.02
C PRO A 22 5.18 -2.78 -5.81
N LEU A 23 4.89 -4.03 -5.45
CA LEU A 23 3.85 -4.80 -6.12
C LEU A 23 2.48 -4.51 -5.50
N SER A 24 2.42 -4.55 -4.18
CA SER A 24 1.17 -4.29 -3.46
C SER A 24 0.54 -2.98 -3.93
N SER A 25 1.37 -2.05 -4.34
CA SER A 25 0.90 -0.74 -4.81
C SER A 25 -0.16 -0.92 -5.89
N ASP A 26 0.05 -1.88 -6.78
CA ASP A 26 -0.88 -2.14 -7.86
C ASP A 26 -1.98 -3.10 -7.41
N ALA A 27 -1.67 -3.92 -6.41
CA ALA A 27 -2.63 -4.89 -5.89
C ALA A 27 -3.86 -4.18 -5.33
N ILE A 28 -3.71 -2.91 -5.00
CA ILE A 28 -4.81 -2.12 -4.45
C ILE A 28 -6.00 -2.11 -5.41
N PHE A 29 -5.72 -2.31 -6.70
CA PHE A 29 -6.77 -2.33 -7.71
C PHE A 29 -7.19 -3.75 -8.03
N LYS A 30 -6.47 -4.71 -7.48
CA LYS A 30 -6.77 -6.13 -7.70
C LYS A 30 -8.21 -6.44 -7.34
N GLN A 31 -8.79 -5.62 -6.47
CA GLN A 31 -10.17 -5.81 -6.05
C GLN A 31 -11.12 -5.81 -7.24
N SER A 32 -10.71 -5.14 -8.31
CA SER A 32 -11.52 -5.06 -9.52
C SER A 32 -11.85 -6.46 -10.05
N HIS A 33 -10.98 -7.41 -9.75
CA HIS A 33 -11.17 -8.79 -10.18
C HIS A 33 -12.56 -9.29 -9.81
N ASN A 1 4.68 5.02 5.92
CA ASN A 1 5.36 4.07 6.81
C ASN A 1 4.85 2.65 6.57
N VAL A 2 5.61 1.67 7.04
CA VAL A 2 5.25 0.27 6.89
C VAL A 2 3.95 -0.04 7.63
N ASP A 3 3.16 -0.96 7.08
CA ASP A 3 1.90 -1.36 7.70
C ASP A 3 1.99 -2.77 8.27
N VAL A 4 2.88 -2.96 9.23
CA VAL A 4 3.06 -4.27 9.86
C VAL A 4 2.87 -4.18 11.37
N ARG A 5 1.75 -4.70 11.86
CA ARG A 5 1.45 -4.68 13.28
C ARG A 5 1.43 -3.25 13.81
N TYR A 6 0.69 -2.38 13.13
CA TYR A 6 0.60 -0.98 13.54
C TYR A 6 -0.01 -0.86 14.92
N THR A 7 -0.18 0.38 15.38
CA THR A 7 -0.75 0.63 16.70
C THR A 7 -1.73 1.80 16.66
N TYR A 8 -2.24 2.09 15.47
CA TYR A 8 -3.19 3.18 15.29
C TYR A 8 -3.76 3.18 13.87
N ARG A 9 -4.52 4.22 13.55
CA ARG A 9 -5.12 4.34 12.23
C ARG A 9 -4.47 5.47 11.44
N PRO A 10 -3.33 5.16 10.78
CA PRO A 10 -2.59 6.13 9.97
C PRO A 10 -3.33 6.53 8.70
N SER A 11 -2.89 7.61 8.08
CA SER A 11 -3.52 8.10 6.86
C SER A 11 -2.58 7.94 5.67
N VAL A 12 -1.63 7.02 5.79
CA VAL A 12 -0.66 6.77 4.72
C VAL A 12 -1.09 5.58 3.87
N PRO A 13 -0.65 5.56 2.60
CA PRO A 13 -0.98 4.48 1.66
C PRO A 13 -0.28 3.17 2.03
N ALA A 14 -0.71 2.09 1.41
CA ALA A 14 -0.14 0.77 1.66
C ALA A 14 1.39 0.82 1.52
N HIS A 15 1.87 1.73 0.70
CA HIS A 15 3.31 1.88 0.46
C HIS A 15 4.03 2.27 1.75
N ARG A 16 5.35 2.14 1.74
CA ARG A 16 6.15 2.48 2.92
C ARG A 16 7.30 3.42 2.53
N ARG A 17 7.00 4.40 1.69
CA ARG A 17 8.00 5.36 1.24
C ARG A 17 7.35 6.64 0.71
N VAL A 18 8.16 7.57 0.26
CA VAL A 18 7.66 8.84 -0.27
C VAL A 18 7.34 8.72 -1.75
N ARG A 19 8.05 7.84 -2.45
CA ARG A 19 7.84 7.63 -3.87
C ARG A 19 8.03 6.16 -4.23
N GLU A 20 7.02 5.35 -3.95
CA GLU A 20 7.06 3.92 -4.25
C GLU A 20 5.93 3.52 -5.19
N SER A 21 6.16 2.47 -5.95
CA SER A 21 5.17 1.98 -6.90
C SER A 21 5.18 0.46 -6.98
N PRO A 22 4.69 -0.19 -5.91
CA PRO A 22 4.64 -1.65 -5.83
C PRO A 22 3.61 -2.25 -6.78
N LEU A 23 3.61 -3.57 -6.89
CA LEU A 23 2.67 -4.26 -7.77
C LEU A 23 1.22 -4.03 -7.32
N SER A 24 1.02 -3.94 -6.01
CA SER A 24 -0.31 -3.72 -5.46
C SER A 24 -0.94 -2.46 -6.04
N SER A 25 -0.09 -1.53 -6.47
CA SER A 25 -0.56 -0.28 -7.04
C SER A 25 -1.35 -0.53 -8.32
N ASP A 26 -0.89 -1.48 -9.12
CA ASP A 26 -1.56 -1.82 -10.37
C ASP A 26 -2.55 -2.94 -10.17
N ALA A 27 -2.32 -3.77 -9.15
CA ALA A 27 -3.20 -4.89 -8.84
C ALA A 27 -4.64 -4.43 -8.70
N ILE A 28 -4.82 -3.18 -8.28
CA ILE A 28 -6.15 -2.61 -8.10
C ILE A 28 -7.00 -2.80 -9.35
N PHE A 29 -6.37 -2.62 -10.52
CA PHE A 29 -7.06 -2.77 -11.79
C PHE A 29 -7.00 -4.22 -12.28
N LYS A 30 -5.97 -4.93 -11.86
CA LYS A 30 -5.79 -6.33 -12.25
C LYS A 30 -6.82 -7.21 -11.58
N GLN A 31 -7.32 -6.78 -10.43
CA GLN A 31 -8.32 -7.54 -9.68
C GLN A 31 -9.67 -7.49 -10.39
N SER A 32 -9.96 -6.36 -11.03
CA SER A 32 -11.22 -6.18 -11.73
C SER A 32 -11.23 -6.97 -13.03
N HIS A 33 -10.08 -7.06 -13.67
CA HIS A 33 -9.95 -7.80 -14.93
C HIS A 33 -9.77 -9.28 -14.67
N ASN A 1 3.76 1.82 5.28
CA ASN A 1 3.80 1.14 6.56
C ASN A 1 4.89 1.72 7.46
N VAL A 2 5.19 2.99 7.26
CA VAL A 2 6.21 3.67 8.05
C VAL A 2 5.58 4.65 9.04
N ASP A 3 5.81 4.42 10.32
CA ASP A 3 5.27 5.29 11.36
C ASP A 3 5.69 4.81 12.75
N VAL A 4 5.71 5.72 13.72
CA VAL A 4 6.09 5.38 15.08
C VAL A 4 4.89 5.45 16.02
N ARG A 5 3.70 5.31 15.46
CA ARG A 5 2.47 5.34 16.24
C ARG A 5 1.39 4.47 15.61
N TYR A 6 1.14 3.31 16.21
CA TYR A 6 0.15 2.38 15.70
C TYR A 6 -0.43 1.52 16.83
N THR A 7 -1.72 1.23 16.75
CA THR A 7 -2.38 0.42 17.76
C THR A 7 -3.45 -0.47 17.15
N TYR A 8 -3.30 -0.76 15.86
CA TYR A 8 -4.26 -1.60 15.14
C TYR A 8 -3.77 -1.89 13.73
N ARG A 9 -4.65 -2.47 12.92
CA ARG A 9 -4.31 -2.80 11.54
C ARG A 9 -5.05 -1.89 10.56
N PRO A 10 -4.49 -0.70 10.31
CA PRO A 10 -5.07 0.28 9.40
C PRO A 10 -4.99 -0.17 7.95
N SER A 11 -5.76 0.49 7.08
CA SER A 11 -5.77 0.16 5.66
C SER A 11 -4.60 0.82 4.93
N VAL A 12 -3.43 0.21 5.06
CA VAL A 12 -2.22 0.73 4.41
C VAL A 12 -2.21 0.41 2.93
N PRO A 13 -1.51 1.24 2.15
CA PRO A 13 -1.40 1.07 0.70
C PRO A 13 -0.56 -0.15 0.32
N ALA A 14 -0.64 -0.56 -0.94
CA ALA A 14 0.11 -1.70 -1.43
C ALA A 14 1.58 -1.58 -1.07
N HIS A 15 2.07 -0.34 -0.97
CA HIS A 15 3.47 -0.09 -0.64
C HIS A 15 3.57 0.56 0.74
N ARG A 16 4.80 0.92 1.12
CA ARG A 16 5.05 1.54 2.42
C ARG A 16 5.88 2.80 2.27
N ARG A 17 5.59 3.58 1.23
CA ARG A 17 6.32 4.82 0.97
C ARG A 17 5.39 5.88 0.37
N VAL A 18 5.94 7.06 0.13
CA VAL A 18 5.16 8.16 -0.43
C VAL A 18 5.23 8.15 -1.96
N ARG A 19 6.31 7.58 -2.50
CA ARG A 19 6.49 7.51 -3.93
C ARG A 19 6.94 6.11 -4.36
N GLU A 20 6.02 5.15 -4.29
CA GLU A 20 6.33 3.78 -4.66
C GLU A 20 5.21 3.18 -5.50
N SER A 21 5.54 2.16 -6.29
CA SER A 21 4.56 1.50 -7.14
C SER A 21 5.00 0.08 -7.49
N PRO A 22 4.91 -0.82 -6.50
CA PRO A 22 5.29 -2.22 -6.66
C PRO A 22 4.34 -2.98 -7.58
N LEU A 23 4.56 -4.29 -7.71
CA LEU A 23 3.72 -5.12 -8.56
C LEU A 23 2.28 -5.15 -8.04
N SER A 24 2.13 -5.37 -6.73
CA SER A 24 0.81 -5.42 -6.11
C SER A 24 0.03 -4.14 -6.40
N SER A 25 0.75 -3.04 -6.60
CA SER A 25 0.13 -1.76 -6.88
C SER A 25 -0.67 -1.81 -8.18
N ASP A 26 -0.07 -2.39 -9.22
CA ASP A 26 -0.72 -2.50 -10.51
C ASP A 26 -1.80 -3.59 -10.49
N ALA A 27 -1.62 -4.58 -9.62
CA ALA A 27 -2.59 -5.66 -9.49
C ALA A 27 -3.99 -5.13 -9.20
N ILE A 28 -4.04 -3.96 -8.57
CA ILE A 28 -5.33 -3.34 -8.24
C ILE A 28 -6.23 -3.26 -9.46
N PHE A 29 -5.65 -2.92 -10.61
CA PHE A 29 -6.40 -2.81 -11.85
C PHE A 29 -6.55 -4.17 -12.52
N LYS A 30 -5.60 -5.07 -12.24
CA LYS A 30 -5.63 -6.40 -12.82
C LYS A 30 -6.96 -7.09 -12.56
N GLN A 31 -7.61 -6.71 -11.47
CA GLN A 31 -8.90 -7.29 -11.11
C GLN A 31 -9.94 -7.03 -12.19
N SER A 32 -9.79 -5.90 -12.88
CA SER A 32 -10.71 -5.54 -13.95
C SER A 32 -10.44 -6.34 -15.21
N HIS A 33 -9.17 -6.50 -15.55
CA HIS A 33 -8.78 -7.25 -16.73
C HIS A 33 -8.60 -8.73 -16.41
N ASN A 1 6.64 1.59 6.35
CA ASN A 1 6.41 2.16 7.67
C ASN A 1 6.65 3.67 7.66
N VAL A 2 6.37 4.30 6.53
CA VAL A 2 6.56 5.75 6.40
C VAL A 2 5.26 6.49 6.68
N ASP A 3 4.52 6.04 7.68
CA ASP A 3 3.25 6.67 8.05
C ASP A 3 2.79 6.22 9.42
N VAL A 4 1.96 7.03 10.06
CA VAL A 4 1.45 6.70 11.39
C VAL A 4 -0.06 6.87 11.45
N ARG A 5 -0.70 6.77 10.30
CA ARG A 5 -2.15 6.91 10.22
C ARG A 5 -2.79 5.66 9.63
N TYR A 6 -3.30 4.80 10.50
CA TYR A 6 -3.94 3.55 10.07
C TYR A 6 -5.18 3.26 10.91
N THR A 7 -6.10 2.48 10.34
CA THR A 7 -7.32 2.12 11.02
C THR A 7 -7.52 0.61 11.07
N TYR A 8 -6.43 -0.12 10.87
CA TYR A 8 -6.48 -1.58 10.88
C TYR A 8 -5.08 -2.18 10.76
N ARG A 9 -5.02 -3.48 10.55
CA ARG A 9 -3.74 -4.18 10.42
C ARG A 9 -3.51 -4.64 8.99
N PRO A 10 -3.02 -3.73 8.14
CA PRO A 10 -2.74 -4.02 6.73
C PRO A 10 -1.57 -4.97 6.54
N SER A 11 -1.44 -5.54 5.35
CA SER A 11 -0.36 -6.47 5.05
C SER A 11 0.63 -5.86 4.07
N VAL A 12 0.11 -5.28 3.00
CA VAL A 12 0.95 -4.65 1.98
C VAL A 12 0.34 -3.36 1.49
N PRO A 13 0.72 -2.23 2.12
CA PRO A 13 0.21 -0.90 1.74
C PRO A 13 0.75 -0.44 0.39
N ALA A 14 0.12 0.59 -0.16
CA ALA A 14 0.53 1.14 -1.44
C ALA A 14 2.02 1.47 -1.45
N HIS A 15 2.47 2.15 -0.39
CA HIS A 15 3.87 2.52 -0.28
C HIS A 15 4.33 2.49 1.17
N ARG A 16 5.48 1.87 1.42
CA ARG A 16 6.02 1.76 2.77
C ARG A 16 7.49 2.18 2.79
N ARG A 17 7.82 3.22 2.05
CA ARG A 17 9.19 3.73 1.99
C ARG A 17 9.22 5.23 1.77
N VAL A 18 10.42 5.80 1.77
CA VAL A 18 10.58 7.24 1.56
C VAL A 18 10.49 7.59 0.08
N ARG A 19 10.85 6.65 -0.78
CA ARG A 19 10.82 6.86 -2.21
C ARG A 19 10.28 5.63 -2.94
N GLU A 20 9.25 5.02 -2.37
CA GLU A 20 8.65 3.83 -2.96
C GLU A 20 8.08 4.14 -4.35
N SER A 21 7.94 3.09 -5.16
CA SER A 21 7.42 3.25 -6.51
C SER A 21 7.10 1.89 -7.13
N PRO A 22 6.06 1.23 -6.59
CA PRO A 22 5.62 -0.09 -7.07
C PRO A 22 4.98 -0.01 -8.45
N LEU A 23 4.96 -1.14 -9.15
CA LEU A 23 4.38 -1.21 -10.49
C LEU A 23 3.03 -1.90 -10.45
N SER A 24 3.01 -3.15 -10.02
CA SER A 24 1.78 -3.93 -9.93
C SER A 24 1.14 -3.79 -8.55
N SER A 25 1.16 -2.58 -8.02
CA SER A 25 0.58 -2.31 -6.70
C SER A 25 -0.93 -2.09 -6.80
N ASP A 26 -1.35 -1.39 -7.86
CA ASP A 26 -2.77 -1.12 -8.07
C ASP A 26 -3.57 -2.42 -8.16
N ALA A 27 -2.88 -3.51 -8.49
CA ALA A 27 -3.53 -4.81 -8.61
C ALA A 27 -4.23 -5.19 -7.31
N ILE A 28 -3.70 -4.70 -6.19
CA ILE A 28 -4.26 -4.99 -4.88
C ILE A 28 -5.76 -4.68 -4.86
N PHE A 29 -6.16 -3.66 -5.60
CA PHE A 29 -7.55 -3.25 -5.66
C PHE A 29 -8.31 -4.05 -6.73
N LYS A 30 -7.57 -4.51 -7.74
CA LYS A 30 -8.17 -5.28 -8.83
C LYS A 30 -8.82 -6.56 -8.29
N GLN A 31 -8.29 -7.06 -7.17
CA GLN A 31 -8.82 -8.28 -6.56
C GLN A 31 -10.21 -8.04 -5.98
N SER A 32 -10.45 -6.81 -5.54
CA SER A 32 -11.73 -6.43 -4.95
C SER A 32 -12.87 -6.73 -5.93
N HIS A 33 -12.68 -6.33 -7.18
CA HIS A 33 -13.69 -6.55 -8.20
C HIS A 33 -13.21 -7.57 -9.24
N ASN A 1 2.77 0.82 5.42
CA ASN A 1 3.77 1.73 5.95
C ASN A 1 4.56 1.07 7.06
N VAL A 2 5.86 0.88 6.82
CA VAL A 2 6.74 0.26 7.81
C VAL A 2 7.18 1.26 8.87
N ASP A 3 6.24 1.67 9.71
CA ASP A 3 6.53 2.63 10.78
C ASP A 3 5.64 2.37 11.99
N VAL A 4 5.91 3.08 13.08
CA VAL A 4 5.14 2.94 14.30
C VAL A 4 4.14 4.08 14.45
N ARG A 5 3.76 4.68 13.33
CA ARG A 5 2.81 5.77 13.34
C ARG A 5 1.57 5.43 12.50
N TYR A 6 0.47 5.14 13.18
CA TYR A 6 -0.77 4.79 12.50
C TYR A 6 -1.99 5.28 13.30
N THR A 7 -3.02 5.71 12.58
CA THR A 7 -4.23 6.20 13.21
C THR A 7 -5.46 5.43 12.72
N TYR A 8 -5.24 4.22 12.25
CA TYR A 8 -6.33 3.38 11.73
C TYR A 8 -5.83 1.99 11.38
N ARG A 9 -6.68 1.22 10.71
CA ARG A 9 -6.32 -0.14 10.31
C ARG A 9 -6.15 -0.23 8.80
N PRO A 10 -4.95 0.13 8.32
CA PRO A 10 -4.62 0.11 6.90
C PRO A 10 -4.51 -1.32 6.35
N SER A 11 -5.30 -1.61 5.32
CA SER A 11 -5.28 -2.94 4.72
C SER A 11 -4.13 -3.09 3.73
N VAL A 12 -4.18 -2.30 2.66
CA VAL A 12 -3.14 -2.34 1.63
C VAL A 12 -2.76 -0.93 1.19
N PRO A 13 -1.72 -0.37 1.84
CA PRO A 13 -1.23 0.98 1.52
C PRO A 13 -0.55 1.04 0.16
N ALA A 14 -0.95 2.02 -0.65
CA ALA A 14 -0.37 2.20 -1.98
C ALA A 14 1.15 2.25 -1.91
N HIS A 15 1.67 2.73 -0.79
CA HIS A 15 3.11 2.84 -0.60
C HIS A 15 3.48 2.79 0.88
N ARG A 16 4.49 1.98 1.20
CA ARG A 16 4.93 1.83 2.58
C ARG A 16 6.41 2.20 2.72
N ARG A 17 6.81 3.27 2.04
CA ARG A 17 8.20 3.72 2.09
C ARG A 17 8.28 5.24 2.01
N VAL A 18 9.50 5.77 2.13
CA VAL A 18 9.71 7.22 2.08
C VAL A 18 9.88 7.68 0.63
N ARG A 19 10.34 6.77 -0.22
CA ARG A 19 10.56 7.09 -1.63
C ARG A 19 10.00 6.00 -2.53
N GLU A 20 8.68 5.91 -2.58
CA GLU A 20 8.01 4.90 -3.40
C GLU A 20 6.75 5.47 -4.06
N SER A 21 6.42 4.96 -5.23
CA SER A 21 5.25 5.42 -5.97
C SER A 21 4.89 4.45 -7.09
N PRO A 22 4.34 3.29 -6.71
CA PRO A 22 3.94 2.25 -7.67
C PRO A 22 2.73 2.66 -8.49
N LEU A 23 2.73 2.28 -9.77
CA LEU A 23 1.64 2.61 -10.67
C LEU A 23 0.74 1.39 -10.90
N SER A 24 1.36 0.28 -11.27
CA SER A 24 0.61 -0.95 -11.53
C SER A 24 0.54 -1.82 -10.27
N SER A 25 0.30 -1.18 -9.13
CA SER A 25 0.22 -1.89 -7.87
C SER A 25 -1.18 -2.48 -7.67
N ASP A 26 -2.20 -1.71 -8.04
CA ASP A 26 -3.58 -2.16 -7.89
C ASP A 26 -3.82 -3.44 -8.68
N ALA A 27 -2.97 -3.70 -9.67
CA ALA A 27 -3.08 -4.90 -10.49
C ALA A 27 -3.15 -6.14 -9.63
N ILE A 28 -2.52 -6.08 -8.47
CA ILE A 28 -2.50 -7.21 -7.54
C ILE A 28 -3.91 -7.73 -7.27
N PHE A 29 -4.87 -6.81 -7.21
CA PHE A 29 -6.26 -7.17 -6.97
C PHE A 29 -6.96 -7.57 -8.27
N LYS A 30 -6.46 -7.05 -9.38
CA LYS A 30 -7.03 -7.35 -10.69
C LYS A 30 -6.90 -8.84 -11.01
N GLN A 31 -5.90 -9.48 -10.42
CA GLN A 31 -5.68 -10.91 -10.64
C GLN A 31 -6.95 -11.71 -10.39
N SER A 32 -7.79 -11.20 -9.50
CA SER A 32 -9.05 -11.88 -9.17
C SER A 32 -9.89 -12.10 -10.42
N HIS A 33 -10.02 -11.06 -11.23
CA HIS A 33 -10.80 -11.13 -12.46
C HIS A 33 -9.99 -11.78 -13.57
N ASN A 1 5.77 6.25 3.83
CA ASN A 1 6.39 5.68 5.01
C ASN A 1 5.33 5.17 5.99
N VAL A 2 5.30 3.86 6.20
CA VAL A 2 4.33 3.26 7.10
C VAL A 2 4.53 3.75 8.54
N ASP A 3 3.43 3.96 9.24
CA ASP A 3 3.49 4.45 10.62
C ASP A 3 2.95 3.39 11.58
N VAL A 4 2.90 3.74 12.86
CA VAL A 4 2.40 2.82 13.89
C VAL A 4 1.06 3.30 14.44
N ARG A 5 0.27 3.94 13.59
CA ARG A 5 -1.04 4.45 14.00
C ARG A 5 -2.06 4.30 12.88
N TYR A 6 -3.00 3.38 13.05
CA TYR A 6 -4.02 3.12 12.05
C TYR A 6 -5.41 3.30 12.64
N THR A 7 -6.34 3.81 11.84
CA THR A 7 -7.72 4.02 12.29
C THR A 7 -8.69 3.23 11.43
N TYR A 8 -8.22 2.14 10.84
CA TYR A 8 -9.06 1.29 10.00
C TYR A 8 -8.31 0.04 9.57
N ARG A 9 -8.89 -0.70 8.63
CA ARG A 9 -8.28 -1.92 8.13
C ARG A 9 -7.79 -1.74 6.69
N PRO A 10 -6.59 -1.17 6.54
CA PRO A 10 -5.98 -0.93 5.23
C PRO A 10 -5.58 -2.22 4.54
N SER A 11 -6.08 -2.42 3.32
CA SER A 11 -5.77 -3.62 2.55
C SER A 11 -4.27 -3.74 2.32
N VAL A 12 -3.73 -2.83 1.51
CA VAL A 12 -2.30 -2.84 1.21
C VAL A 12 -1.70 -1.45 1.37
N PRO A 13 -0.38 -1.39 1.64
CA PRO A 13 0.33 -0.13 1.82
C PRO A 13 0.47 0.65 0.52
N ALA A 14 0.85 1.92 0.63
CA ALA A 14 1.03 2.76 -0.54
C ALA A 14 2.48 2.76 -1.02
N HIS A 15 3.40 2.67 -0.07
CA HIS A 15 4.83 2.66 -0.39
C HIS A 15 5.67 2.50 0.88
N ARG A 16 6.87 1.96 0.72
CA ARG A 16 7.76 1.76 1.86
C ARG A 16 9.15 2.30 1.54
N ARG A 17 9.21 3.47 0.92
CA ARG A 17 10.47 4.09 0.56
C ARG A 17 10.32 5.60 0.40
N VAL A 18 11.42 6.28 0.12
CA VAL A 18 11.40 7.73 -0.07
C VAL A 18 11.02 8.11 -1.49
N ARG A 19 11.34 7.22 -2.43
CA ARG A 19 11.02 7.46 -3.84
C ARG A 19 10.48 6.19 -4.49
N GLU A 20 9.23 5.86 -4.18
CA GLU A 20 8.60 4.68 -4.75
C GLU A 20 7.20 5.01 -5.26
N SER A 21 6.99 4.81 -6.56
CA SER A 21 5.69 5.08 -7.18
C SER A 21 5.08 3.81 -7.76
N PRO A 22 4.60 2.93 -6.87
CA PRO A 22 3.99 1.66 -7.27
C PRO A 22 2.63 1.86 -7.95
N LEU A 23 2.66 2.44 -9.14
CA LEU A 23 1.44 2.69 -9.90
C LEU A 23 0.59 1.42 -10.00
N SER A 24 1.13 0.41 -10.67
CA SER A 24 0.43 -0.85 -10.84
C SER A 24 1.12 -1.97 -10.06
N SER A 25 1.84 -1.60 -9.00
CA SER A 25 2.55 -2.56 -8.18
C SER A 25 1.61 -3.20 -7.16
N ASP A 26 0.57 -2.47 -6.78
CA ASP A 26 -0.40 -2.97 -5.81
C ASP A 26 -1.53 -3.72 -6.51
N ALA A 27 -1.74 -3.40 -7.78
CA ALA A 27 -2.79 -4.05 -8.57
C ALA A 27 -2.59 -5.58 -8.59
N ILE A 28 -1.36 -6.00 -8.37
CA ILE A 28 -1.03 -7.42 -8.36
C ILE A 28 -1.89 -8.18 -7.35
N PHE A 29 -2.25 -7.49 -6.27
CA PHE A 29 -3.07 -8.09 -5.22
C PHE A 29 -4.55 -7.77 -5.42
N LYS A 30 -4.82 -6.88 -6.36
CA LYS A 30 -6.19 -6.48 -6.66
C LYS A 30 -7.02 -7.67 -7.13
N GLN A 31 -6.35 -8.66 -7.71
CA GLN A 31 -7.03 -9.86 -8.19
C GLN A 31 -7.90 -10.47 -7.12
N SER A 32 -7.50 -10.29 -5.85
CA SER A 32 -8.26 -10.83 -4.73
C SER A 32 -9.68 -10.28 -4.72
N HIS A 33 -9.84 -9.05 -5.18
CA HIS A 33 -11.15 -8.40 -5.23
C HIS A 33 -12.03 -9.05 -6.28
N ASN A 1 8.45 1.56 5.89
CA ASN A 1 7.07 1.38 6.34
C ASN A 1 6.52 2.68 6.92
N VAL A 2 6.07 3.57 6.04
CA VAL A 2 5.51 4.85 6.47
C VAL A 2 4.09 4.70 6.95
N ASP A 3 3.83 5.11 8.19
CA ASP A 3 2.49 5.02 8.77
C ASP A 3 1.57 6.08 8.17
N VAL A 4 0.39 5.64 7.74
CA VAL A 4 -0.59 6.55 7.15
C VAL A 4 -1.83 6.65 8.01
N ARG A 5 -1.68 6.38 9.30
CA ARG A 5 -2.80 6.44 10.23
C ARG A 5 -3.92 5.51 9.80
N TYR A 6 -3.56 4.29 9.42
CA TYR A 6 -4.54 3.30 8.99
C TYR A 6 -5.58 3.04 10.07
N THR A 7 -6.50 2.12 9.79
CA THR A 7 -7.55 1.78 10.73
C THR A 7 -7.85 0.29 10.69
N TYR A 8 -6.88 -0.50 10.24
CA TYR A 8 -7.06 -1.95 10.15
C TYR A 8 -5.74 -2.63 9.83
N ARG A 9 -5.79 -3.93 9.59
CA ARG A 9 -4.61 -4.71 9.27
C ARG A 9 -4.61 -5.12 7.81
N PRO A 10 -4.12 -4.23 6.93
CA PRO A 10 -4.05 -4.49 5.49
C PRO A 10 -3.00 -5.53 5.14
N SER A 11 -3.08 -6.05 3.91
CA SER A 11 -2.14 -7.06 3.45
C SER A 11 -0.72 -6.51 3.44
N VAL A 12 -0.53 -5.38 2.78
CA VAL A 12 0.78 -4.75 2.70
C VAL A 12 0.67 -3.23 2.64
N PRO A 13 1.72 -2.54 3.08
CA PRO A 13 1.76 -1.07 3.09
C PRO A 13 1.84 -0.49 1.69
N ALA A 14 1.59 0.81 1.58
CA ALA A 14 1.63 1.49 0.29
C ALA A 14 3.07 1.65 -0.20
N HIS A 15 3.99 1.87 0.74
CA HIS A 15 5.40 2.03 0.40
C HIS A 15 6.27 1.96 1.66
N ARG A 16 7.35 1.20 1.58
CA ARG A 16 8.27 1.05 2.70
C ARG A 16 9.69 1.46 2.32
N ARG A 17 9.79 2.53 1.55
CA ARG A 17 11.09 3.03 1.11
C ARG A 17 11.10 4.55 1.06
N VAL A 18 12.26 5.13 0.74
CA VAL A 18 12.41 6.57 0.65
C VAL A 18 11.84 7.10 -0.66
N ARG A 19 11.89 6.27 -1.70
CA ARG A 19 11.38 6.66 -3.01
C ARG A 19 10.54 5.54 -3.62
N GLU A 20 9.37 5.30 -3.04
CA GLU A 20 8.48 4.26 -3.53
C GLU A 20 7.03 4.72 -3.49
N SER A 21 6.26 4.37 -4.52
CA SER A 21 4.86 4.75 -4.59
C SER A 21 4.15 4.01 -5.72
N PRO A 22 3.95 2.70 -5.53
CA PRO A 22 3.29 1.85 -6.52
C PRO A 22 1.80 2.15 -6.65
N LEU A 23 1.49 3.35 -7.15
CA LEU A 23 0.10 3.77 -7.32
C LEU A 23 -0.69 2.71 -8.08
N SER A 24 -0.32 2.49 -9.34
CA SER A 24 -0.99 1.50 -10.17
C SER A 24 -0.40 0.11 -9.98
N SER A 25 0.84 0.07 -9.48
CA SER A 25 1.54 -1.19 -9.25
C SER A 25 0.82 -2.01 -8.20
N ASP A 26 0.19 -1.34 -7.24
CA ASP A 26 -0.53 -2.01 -6.17
C ASP A 26 -1.98 -2.25 -6.56
N ALA A 27 -2.50 -1.41 -7.46
CA ALA A 27 -3.87 -1.53 -7.91
C ALA A 27 -4.08 -2.82 -8.69
N ILE A 28 -3.00 -3.36 -9.24
CA ILE A 28 -3.06 -4.60 -10.02
C ILE A 28 -3.66 -5.73 -9.20
N PHE A 29 -3.45 -5.68 -7.88
CA PHE A 29 -3.97 -6.70 -6.98
C PHE A 29 -5.30 -6.26 -6.38
N LYS A 30 -5.65 -5.00 -6.59
CA LYS A 30 -6.90 -4.46 -6.08
C LYS A 30 -8.09 -5.33 -6.50
N GLN A 31 -7.95 -6.00 -7.64
CA GLN A 31 -9.02 -6.86 -8.14
C GLN A 31 -9.44 -7.87 -7.09
N SER A 32 -8.49 -8.29 -6.25
CA SER A 32 -8.76 -9.27 -5.21
C SER A 32 -9.95 -8.83 -4.36
N HIS A 33 -10.14 -7.52 -4.24
CA HIS A 33 -11.25 -6.97 -3.46
C HIS A 33 -12.36 -6.46 -4.37
N ASN A 1 7.29 5.20 5.01
CA ASN A 1 7.28 6.28 5.99
C ASN A 1 6.06 6.18 6.91
N VAL A 2 5.56 4.96 7.07
CA VAL A 2 4.39 4.72 7.92
C VAL A 2 4.75 4.87 9.40
N ASP A 3 3.93 5.62 10.12
CA ASP A 3 4.16 5.85 11.55
C ASP A 3 3.84 4.59 12.35
N VAL A 4 4.05 4.67 13.66
CA VAL A 4 3.78 3.53 14.54
C VAL A 4 2.70 3.88 15.56
N ARG A 5 1.86 4.85 15.23
CA ARG A 5 0.79 5.28 16.11
C ARG A 5 -0.58 5.04 15.48
N TYR A 6 -0.67 3.99 14.67
CA TYR A 6 -1.92 3.64 14.00
C TYR A 6 -3.06 3.53 15.00
N THR A 7 -4.27 3.35 14.48
CA THR A 7 -5.45 3.22 15.32
C THR A 7 -6.26 1.98 14.96
N TYR A 8 -5.65 1.09 14.19
CA TYR A 8 -6.31 -0.14 13.77
C TYR A 8 -5.34 -1.05 13.01
N ARG A 9 -5.89 -2.09 12.40
CA ARG A 9 -5.08 -3.04 11.64
C ARG A 9 -5.36 -2.91 10.14
N PRO A 10 -4.69 -1.95 9.49
CA PRO A 10 -4.84 -1.69 8.06
C PRO A 10 -4.26 -2.81 7.21
N SER A 11 -4.62 -2.84 5.93
CA SER A 11 -4.12 -3.86 5.01
C SER A 11 -2.65 -3.63 4.70
N VAL A 12 -2.33 -2.43 4.21
CA VAL A 12 -0.95 -2.08 3.87
C VAL A 12 -0.71 -0.59 4.00
N PRO A 13 0.54 -0.20 4.23
CA PRO A 13 0.94 1.21 4.38
C PRO A 13 0.86 1.96 3.07
N ALA A 14 0.90 3.29 3.14
CA ALA A 14 0.83 4.14 1.96
C ALA A 14 2.06 3.95 1.08
N HIS A 15 3.23 3.88 1.71
CA HIS A 15 4.48 3.69 0.98
C HIS A 15 5.66 3.60 1.94
N ARG A 16 6.46 2.54 1.79
CA ARG A 16 7.62 2.33 2.64
C ARG A 16 8.90 2.75 1.93
N ARG A 17 8.83 3.87 1.22
CA ARG A 17 9.98 4.38 0.49
C ARG A 17 9.75 5.83 0.06
N VAL A 18 10.66 6.35 -0.76
CA VAL A 18 10.56 7.72 -1.26
C VAL A 18 10.30 7.74 -2.76
N ARG A 19 10.71 6.69 -3.44
CA ARG A 19 10.54 6.59 -4.89
C ARG A 19 9.56 5.47 -5.24
N GLU A 20 8.57 5.25 -4.37
CA GLU A 20 7.57 4.22 -4.59
C GLU A 20 6.21 4.83 -4.90
N SER A 21 5.31 4.02 -5.45
CA SER A 21 3.98 4.48 -5.80
C SER A 21 3.02 3.30 -5.95
N PRO A 22 2.70 2.64 -4.84
CA PRO A 22 1.79 1.50 -4.82
C PRO A 22 0.34 1.89 -5.13
N LEU A 23 0.10 2.32 -6.35
CA LEU A 23 -1.23 2.73 -6.78
C LEU A 23 -1.88 1.65 -7.65
N SER A 24 -1.28 1.38 -8.79
CA SER A 24 -1.81 0.38 -9.72
C SER A 24 -1.10 -0.97 -9.50
N SER A 25 -0.76 -1.26 -8.26
CA SER A 25 -0.09 -2.51 -7.93
C SER A 25 -1.08 -3.66 -7.82
N ASP A 26 -2.18 -3.42 -7.11
CA ASP A 26 -3.21 -4.42 -6.93
C ASP A 26 -4.11 -4.50 -8.15
N ALA A 27 -4.22 -3.39 -8.87
CA ALA A 27 -5.05 -3.33 -10.07
C ALA A 27 -4.60 -4.36 -11.10
N ILE A 28 -3.35 -4.81 -10.98
CA ILE A 28 -2.81 -5.79 -11.91
C ILE A 28 -3.53 -7.12 -11.79
N PHE A 29 -4.11 -7.37 -10.61
CA PHE A 29 -4.84 -8.60 -10.37
C PHE A 29 -6.32 -8.43 -10.64
N LYS A 30 -6.80 -7.19 -10.50
CA LYS A 30 -8.21 -6.88 -10.73
C LYS A 30 -8.47 -6.65 -12.21
N GLN A 31 -7.44 -6.28 -12.95
CA GLN A 31 -7.56 -6.01 -14.38
C GLN A 31 -7.75 -7.32 -15.16
N SER A 32 -7.22 -8.41 -14.62
CA SER A 32 -7.33 -9.72 -15.25
C SER A 32 -8.75 -10.25 -15.15
N HIS A 33 -9.35 -10.10 -13.97
CA HIS A 33 -10.70 -10.57 -13.73
C HIS A 33 -11.71 -9.76 -14.53
N ASN A 1 7.98 5.18 4.16
CA ASN A 1 7.85 5.48 5.58
C ASN A 1 6.51 6.19 5.85
N VAL A 2 5.50 5.85 5.07
CA VAL A 2 4.18 6.46 5.23
C VAL A 2 3.09 5.39 5.22
N ASP A 3 2.06 5.62 6.02
CA ASP A 3 0.95 4.68 6.11
C ASP A 3 -0.27 5.34 6.75
N VAL A 4 -1.41 5.26 6.07
CA VAL A 4 -2.65 5.85 6.56
C VAL A 4 -3.75 4.80 6.68
N ARG A 5 -3.34 3.54 6.83
CA ARG A 5 -4.30 2.45 6.96
C ARG A 5 -4.25 1.84 8.36
N TYR A 6 -5.36 1.93 9.08
CA TYR A 6 -5.44 1.39 10.43
C TYR A 6 -6.82 0.80 10.70
N THR A 7 -7.43 0.23 9.66
CA THR A 7 -8.75 -0.38 9.78
C THR A 7 -8.72 -1.86 9.41
N TYR A 8 -7.52 -2.43 9.41
CA TYR A 8 -7.35 -3.83 9.06
C TYR A 8 -5.90 -4.27 9.26
N ARG A 9 -5.57 -5.47 8.78
CA ARG A 9 -4.22 -6.00 8.90
C ARG A 9 -3.54 -6.05 7.53
N PRO A 10 -2.96 -4.92 7.12
CA PRO A 10 -2.26 -4.80 5.84
C PRO A 10 -0.96 -5.59 5.82
N SER A 11 -0.82 -6.49 4.85
CA SER A 11 0.38 -7.30 4.73
C SER A 11 1.59 -6.44 4.41
N VAL A 12 1.44 -5.54 3.44
CA VAL A 12 2.52 -4.65 3.05
C VAL A 12 1.99 -3.31 2.56
N PRO A 13 2.59 -2.21 3.05
CA PRO A 13 2.18 -0.86 2.67
C PRO A 13 2.54 -0.52 1.22
N ALA A 14 1.96 0.55 0.71
CA ALA A 14 2.22 0.97 -0.66
C ALA A 14 3.66 1.44 -0.83
N HIS A 15 4.09 2.35 0.03
CA HIS A 15 5.45 2.88 -0.03
C HIS A 15 6.09 2.88 1.37
N ARG A 16 7.22 2.21 1.49
CA ARG A 16 7.93 2.13 2.76
C ARG A 16 9.36 2.65 2.61
N ARG A 17 9.52 3.73 1.86
CA ARG A 17 10.83 4.33 1.65
C ARG A 17 10.72 5.82 1.33
N VAL A 18 11.86 6.48 1.15
CA VAL A 18 11.87 7.90 0.84
C VAL A 18 11.57 8.15 -0.63
N ARG A 19 12.01 7.22 -1.47
CA ARG A 19 11.79 7.34 -2.91
C ARG A 19 11.27 6.03 -3.49
N GLU A 20 10.15 5.55 -2.96
CA GLU A 20 9.56 4.31 -3.42
C GLU A 20 8.56 4.56 -4.55
N SER A 21 8.42 3.59 -5.45
CA SER A 21 7.51 3.71 -6.57
C SER A 21 7.34 2.37 -7.28
N PRO A 22 6.66 1.44 -6.61
CA PRO A 22 6.41 0.10 -7.15
C PRO A 22 5.42 0.11 -8.31
N LEU A 23 5.14 -1.06 -8.86
CA LEU A 23 4.20 -1.17 -9.97
C LEU A 23 2.86 -1.72 -9.50
N SER A 24 2.90 -2.62 -8.54
CA SER A 24 1.68 -3.22 -7.99
C SER A 24 1.18 -2.44 -6.79
N SER A 25 1.17 -1.11 -6.92
CA SER A 25 0.71 -0.24 -5.84
C SER A 25 -0.80 -0.12 -5.84
N ASP A 26 -1.37 0.07 -7.03
CA ASP A 26 -2.83 0.21 -7.17
C ASP A 26 -3.52 -1.11 -6.84
N ALA A 27 -2.82 -2.22 -7.03
CA ALA A 27 -3.37 -3.54 -6.75
C ALA A 27 -3.60 -3.74 -5.27
N ILE A 28 -2.83 -3.02 -4.46
CA ILE A 28 -2.94 -3.11 -3.01
C ILE A 28 -4.38 -2.89 -2.55
N PHE A 29 -5.09 -2.02 -3.26
CA PHE A 29 -6.47 -1.71 -2.93
C PHE A 29 -7.43 -2.69 -3.62
N LYS A 30 -6.99 -3.24 -4.75
CA LYS A 30 -7.81 -4.19 -5.50
C LYS A 30 -8.08 -5.45 -4.68
N GLN A 31 -7.15 -5.77 -3.78
CA GLN A 31 -7.30 -6.94 -2.92
C GLN A 31 -8.62 -6.92 -2.18
N SER A 32 -9.12 -5.72 -1.90
CA SER A 32 -10.38 -5.55 -1.19
C SER A 32 -11.53 -6.18 -1.98
N HIS A 33 -11.61 -5.85 -3.27
CA HIS A 33 -12.66 -6.36 -4.13
C HIS A 33 -12.08 -7.30 -5.19
N ASN A 1 3.03 8.03 2.72
CA ASN A 1 4.25 7.28 3.00
C ASN A 1 4.67 7.47 4.45
N VAL A 2 5.06 6.37 5.10
CA VAL A 2 5.49 6.42 6.49
C VAL A 2 4.44 7.09 7.37
N ASP A 3 3.38 6.36 7.67
CA ASP A 3 2.30 6.88 8.51
C ASP A 3 2.31 6.21 9.89
N VAL A 4 1.57 6.80 10.83
CA VAL A 4 1.50 6.28 12.18
C VAL A 4 0.05 6.11 12.62
N ARG A 5 -0.87 6.28 11.68
CA ARG A 5 -2.29 6.15 11.97
C ARG A 5 -2.92 5.03 11.14
N TYR A 6 -3.32 3.96 11.82
CA TYR A 6 -3.92 2.82 11.14
C TYR A 6 -5.31 2.52 11.72
N THR A 7 -6.18 1.98 10.88
CA THR A 7 -7.54 1.65 11.30
C THR A 7 -7.93 0.24 10.84
N TYR A 8 -6.93 -0.61 10.64
CA TYR A 8 -7.16 -1.97 10.21
C TYR A 8 -5.86 -2.77 10.17
N ARG A 9 -5.92 -3.96 9.59
CA ARG A 9 -4.74 -4.83 9.50
C ARG A 9 -4.26 -4.92 8.06
N PRO A 10 -3.46 -3.93 7.63
CA PRO A 10 -2.91 -3.89 6.27
C PRO A 10 -1.87 -4.96 6.03
N SER A 11 -2.08 -5.78 5.01
CA SER A 11 -1.16 -6.86 4.67
C SER A 11 0.15 -6.29 4.12
N VAL A 12 0.04 -5.35 3.19
CA VAL A 12 1.21 -4.73 2.59
C VAL A 12 0.93 -3.28 2.22
N PRO A 13 1.87 -2.39 2.58
CA PRO A 13 1.76 -0.95 2.30
C PRO A 13 1.89 -0.64 0.81
N ALA A 14 1.51 0.56 0.42
CA ALA A 14 1.59 0.99 -0.97
C ALA A 14 2.96 1.57 -1.28
N HIS A 15 3.53 2.32 -0.33
CA HIS A 15 4.84 2.93 -0.50
C HIS A 15 5.30 3.61 0.78
N ARG A 16 6.41 3.14 1.32
CA ARG A 16 6.95 3.71 2.55
C ARG A 16 8.39 4.16 2.35
N ARG A 17 8.64 4.81 1.22
CA ARG A 17 9.98 5.30 0.91
C ARG A 17 9.91 6.59 0.08
N VAL A 18 11.07 7.16 -0.22
CA VAL A 18 11.13 8.39 -1.00
C VAL A 18 11.16 8.09 -2.49
N ARG A 19 11.64 6.91 -2.85
CA ARG A 19 11.72 6.50 -4.24
C ARG A 19 11.09 5.12 -4.45
N GLU A 20 9.80 5.01 -4.14
CA GLU A 20 9.09 3.76 -4.28
C GLU A 20 7.68 3.98 -4.83
N SER A 21 7.23 3.08 -5.70
CA SER A 21 5.91 3.20 -6.29
C SER A 21 5.54 1.91 -7.02
N PRO A 22 5.22 0.86 -6.25
CA PRO A 22 4.84 -0.44 -6.79
C PRO A 22 3.48 -0.41 -7.48
N LEU A 23 3.35 -1.15 -8.57
CA LEU A 23 2.08 -1.20 -9.31
C LEU A 23 1.31 -2.48 -8.97
N SER A 24 1.91 -3.62 -9.26
CA SER A 24 1.28 -4.91 -8.98
C SER A 24 0.80 -4.98 -7.54
N SER A 25 1.50 -4.29 -6.65
CA SER A 25 1.16 -4.28 -5.24
C SER A 25 -0.30 -3.91 -5.04
N ASP A 26 -0.73 -2.83 -5.68
CA ASP A 26 -2.11 -2.37 -5.58
C ASP A 26 -3.01 -3.10 -6.58
N ALA A 27 -2.40 -3.57 -7.66
CA ALA A 27 -3.15 -4.29 -8.69
C ALA A 27 -3.89 -5.48 -8.11
N ILE A 28 -3.38 -6.00 -6.99
CA ILE A 28 -4.00 -7.13 -6.32
C ILE A 28 -5.48 -6.89 -6.08
N PHE A 29 -5.83 -5.63 -5.83
CA PHE A 29 -7.23 -5.25 -5.58
C PHE A 29 -7.94 -4.93 -6.89
N LYS A 30 -7.18 -4.50 -7.88
CA LYS A 30 -7.74 -4.16 -9.19
C LYS A 30 -8.33 -5.38 -9.87
N GLN A 31 -7.78 -6.55 -9.56
CA GLN A 31 -8.25 -7.80 -10.14
C GLN A 31 -9.64 -8.15 -9.61
N SER A 32 -9.91 -7.76 -8.37
CA SER A 32 -11.20 -8.04 -7.75
C SER A 32 -12.29 -7.18 -8.35
N HIS A 33 -12.04 -5.87 -8.43
CA HIS A 33 -13.02 -4.94 -8.98
C HIS A 33 -13.35 -5.30 -10.43
#